data_6Z87
#
_entry.id   6Z87
#
_cell.length_a   109.877
_cell.length_b   109.877
_cell.length_c   387.247
_cell.angle_alpha   90
_cell.angle_beta   90
_cell.angle_gamma   120
#
_symmetry.space_group_name_H-M   'P 65 2 2'
#
loop_
_entity.id
_entity.type
_entity.pdbx_description
1 polymer 'GTP cyclohydrolase 1'
2 non-polymer 'ZINC ION'
3 water water
#
_entity_poly.entity_id   1
_entity_poly.type   'polypeptide(L)'
_entity_poly.pdbx_seq_one_letter_code
;MHHHHHHGSDDDDKRPEAKSAQPADGWKGERPRSEEDNELNLPNLAAAYSSILSSLGENPQRQGLLKTPWRAASAMQFFT
KGYQETISDVLNDAIFDEDHDEMVIVKDIDMFSMCEHHLVPFVGKVHIGYLPNKQVLGLSKLARIVEIYSRRLQVQERLT
KQIAVAITEALRPAGVGVVVEATHMCMVMRGVQKMNSKTVTSTMLGVFREDPKTREEFLTLIRS
;
_entity_poly.pdbx_strand_id   A,B,C,D,E
#
# COMPACT_ATOMS: atom_id res chain seq x y z
N PRO A 32 38.80 -0.73 22.43
CA PRO A 32 37.40 -1.03 22.80
C PRO A 32 37.22 -1.44 24.26
N ARG A 33 35.98 -1.41 24.77
CA ARG A 33 35.69 -1.81 26.15
C ARG A 33 35.91 -3.32 26.33
N SER A 34 36.38 -3.76 27.50
CA SER A 34 36.64 -5.19 27.72
C SER A 34 35.80 -5.78 28.88
N GLU A 35 35.82 -7.11 29.05
CA GLU A 35 35.10 -7.73 30.17
C GLU A 35 35.73 -7.39 31.53
N GLU A 36 37.04 -7.09 31.53
CA GLU A 36 37.79 -6.67 32.72
C GLU A 36 37.29 -5.29 33.15
N ASP A 37 37.05 -4.40 32.17
CA ASP A 37 36.54 -3.05 32.39
C ASP A 37 35.14 -3.13 32.97
N ASN A 38 34.30 -4.02 32.42
CA ASN A 38 32.91 -4.21 32.85
C ASN A 38 32.84 -4.71 34.28
N GLU A 39 33.74 -5.62 34.65
CA GLU A 39 33.81 -6.17 36.01
C GLU A 39 34.20 -5.08 37.00
N LEU A 40 35.17 -4.23 36.62
CA LEU A 40 35.70 -3.16 37.43
C LEU A 40 34.73 -1.99 37.58
N ASN A 41 33.97 -1.65 36.54
CA ASN A 41 33.04 -0.53 36.57
C ASN A 41 31.64 -0.86 37.01
N LEU A 42 31.29 -2.14 37.19
CA LEU A 42 29.94 -2.49 37.65
C LEU A 42 29.61 -1.91 39.03
N PRO A 43 30.50 -1.99 40.05
CA PRO A 43 30.18 -1.39 41.34
C PRO A 43 30.06 0.14 41.28
N ASN A 44 30.79 0.81 40.36
CA ASN A 44 30.72 2.25 40.17
C ASN A 44 29.36 2.65 39.61
N LEU A 45 28.86 1.85 38.65
CA LEU A 45 27.55 2.10 38.05
C LEU A 45 26.48 1.82 39.10
N ALA A 46 26.62 0.74 39.88
CA ALA A 46 25.65 0.41 40.92
C ALA A 46 25.60 1.52 41.97
N ALA A 47 26.75 2.09 42.34
CA ALA A 47 26.85 3.19 43.30
C ALA A 47 26.10 4.40 42.78
N ALA A 48 26.28 4.74 41.50
CA ALA A 48 25.61 5.88 40.86
C ALA A 48 24.10 5.65 40.79
N TYR A 49 23.66 4.42 40.46
CA TYR A 49 22.24 4.08 40.40
C TYR A 49 21.58 4.12 41.77
N SER A 50 22.32 3.74 42.82
CA SER A 50 21.79 3.82 44.18
C SER A 50 21.56 5.28 44.56
N SER A 51 22.49 6.17 44.17
CA SER A 51 22.39 7.59 44.40
C SER A 51 21.18 8.18 43.66
N ILE A 52 20.88 7.70 42.43
CA ILE A 52 19.74 8.15 41.63
C ILE A 52 18.42 7.78 42.34
N LEU A 53 18.33 6.57 42.91
CA LEU A 53 17.13 6.14 43.63
C LEU A 53 16.85 7.06 44.81
N SER A 54 17.90 7.45 45.53
CA SER A 54 17.77 8.35 46.67
C SER A 54 17.41 9.75 46.22
N SER A 55 18.09 10.27 45.18
CA SER A 55 17.82 11.60 44.65
C SER A 55 16.40 11.74 44.09
N LEU A 56 15.79 10.62 43.64
CA LEU A 56 14.41 10.62 43.13
C LEU A 56 13.35 10.57 44.25
N GLY A 57 13.77 10.39 45.49
CA GLY A 57 12.85 10.33 46.62
C GLY A 57 12.36 8.92 46.93
N GLU A 58 13.13 7.92 46.53
CA GLU A 58 12.78 6.53 46.80
C GLU A 58 13.60 5.96 47.96
N ASN A 59 13.14 4.83 48.51
CA ASN A 59 13.84 4.15 49.57
C ASN A 59 14.58 2.99 48.93
N PRO A 60 15.92 3.09 48.74
CA PRO A 60 16.66 1.98 48.10
C PRO A 60 16.70 0.67 48.90
N GLN A 61 16.23 0.69 50.16
CA GLN A 61 16.21 -0.50 50.99
C GLN A 61 14.93 -1.33 50.86
N ARG A 62 13.92 -0.83 50.14
CA ARG A 62 12.69 -1.60 49.96
C ARG A 62 12.93 -2.81 49.04
N GLN A 63 12.23 -3.92 49.31
CA GLN A 63 12.36 -5.19 48.58
C GLN A 63 12.60 -5.07 47.06
N GLY A 64 11.76 -4.31 46.36
CA GLY A 64 11.86 -4.17 44.92
C GLY A 64 13.03 -3.36 44.41
N LEU A 65 13.62 -2.54 45.26
CA LEU A 65 14.74 -1.70 44.88
C LEU A 65 16.10 -2.18 45.35
N LEU A 66 16.16 -3.18 46.25
CA LEU A 66 17.41 -3.71 46.82
C LEU A 66 18.48 -4.06 45.79
N LYS A 67 18.13 -4.89 44.79
CA LYS A 67 19.07 -5.29 43.75
C LYS A 67 19.05 -4.39 42.52
N THR A 68 18.21 -3.35 42.50
CA THR A 68 18.09 -2.43 41.37
C THR A 68 19.39 -1.71 41.01
N PRO A 69 20.23 -1.22 41.94
CA PRO A 69 21.50 -0.57 41.52
C PRO A 69 22.37 -1.47 40.65
N TRP A 70 22.37 -2.77 40.93
CA TRP A 70 23.14 -3.74 40.17
C TRP A 70 22.42 -4.16 38.89
N ARG A 71 21.10 -4.33 38.95
CA ARG A 71 20.29 -4.70 37.78
C ARG A 71 20.31 -3.63 36.73
N ALA A 72 20.20 -2.36 37.13
CA ALA A 72 20.22 -1.22 36.21
C ALA A 72 21.60 -1.07 35.60
N ALA A 73 22.66 -1.27 36.42
CA ALA A 73 24.04 -1.19 35.98
C ALA A 73 24.32 -2.26 34.92
N SER A 74 23.86 -3.51 35.13
CA SER A 74 24.07 -4.61 34.19
C SER A 74 23.27 -4.41 32.91
N ALA A 75 22.08 -3.80 33.03
CA ALA A 75 21.24 -3.51 31.87
C ALA A 75 21.93 -2.45 31.05
N MET A 76 22.46 -1.39 31.68
CA MET A 76 23.13 -0.32 30.97
C MET A 76 24.41 -0.79 30.29
N GLN A 77 25.12 -1.73 30.91
CA GLN A 77 26.31 -2.31 30.29
C GLN A 77 25.91 -3.12 29.05
N PHE A 78 24.79 -3.83 29.10
CA PHE A 78 24.32 -4.60 27.95
C PHE A 78 23.88 -3.63 26.83
N PHE A 79 23.13 -2.57 27.16
CA PHE A 79 22.68 -1.62 26.15
C PHE A 79 23.82 -0.88 25.46
N THR A 80 25.01 -0.86 26.06
CA THR A 80 26.16 -0.20 25.48
C THR A 80 27.29 -1.21 25.18
N LYS A 81 26.98 -2.49 24.96
CA LYS A 81 27.98 -3.52 24.68
C LYS A 81 28.66 -3.38 23.31
N GLY A 82 28.16 -2.50 22.47
CA GLY A 82 28.73 -2.23 21.16
C GLY A 82 30.07 -1.53 21.25
N TYR A 83 30.36 -0.88 22.41
CA TYR A 83 31.64 -0.24 22.69
C TYR A 83 32.75 -1.30 22.78
N GLN A 84 32.40 -2.51 23.26
CA GLN A 84 33.31 -3.65 23.40
C GLN A 84 33.74 -4.22 22.05
N GLU A 85 32.91 -4.08 21.03
CA GLU A 85 33.19 -4.62 19.72
C GLU A 85 33.91 -3.60 18.83
N THR A 86 34.61 -4.09 17.82
CA THR A 86 35.29 -3.23 16.85
C THR A 86 34.85 -3.63 15.46
N ILE A 87 34.50 -2.65 14.61
CA ILE A 87 34.03 -2.92 13.25
C ILE A 87 35.08 -3.66 12.41
N SER A 88 36.35 -3.33 12.63
CA SER A 88 37.49 -3.92 11.96
C SER A 88 37.59 -5.43 12.18
N ASP A 89 37.25 -5.89 13.40
CA ASP A 89 37.31 -7.31 13.74
C ASP A 89 36.10 -8.10 13.26
N VAL A 90 35.28 -7.54 12.36
CA VAL A 90 34.08 -8.20 11.86
C VAL A 90 34.18 -8.55 10.34
N LEU A 91 35.06 -7.88 9.58
CA LEU A 91 35.22 -8.11 8.14
C LEU A 91 35.83 -9.47 7.77
N ASN A 92 36.66 -10.07 8.65
CA ASN A 92 37.30 -11.36 8.33
C ASN A 92 36.34 -12.54 8.45
N ASP A 93 36.43 -13.49 7.48
CA ASP A 93 35.58 -14.68 7.36
C ASP A 93 34.12 -14.22 7.28
N ALA A 94 33.85 -13.24 6.37
CA ALA A 94 32.53 -12.61 6.22
C ALA A 94 32.23 -12.17 4.79
N ILE A 95 33.25 -11.66 4.08
CA ILE A 95 33.12 -11.15 2.70
C ILE A 95 33.17 -12.28 1.67
N PHE A 96 32.08 -12.47 0.91
CA PHE A 96 32.03 -13.49 -0.13
C PHE A 96 32.22 -12.88 -1.54
N ASP A 97 32.46 -13.73 -2.55
CA ASP A 97 32.67 -13.27 -3.92
C ASP A 97 31.49 -13.77 -4.76
N GLU A 98 30.71 -12.84 -5.33
CA GLU A 98 29.50 -13.24 -6.06
C GLU A 98 29.53 -13.19 -7.61
N ASP A 99 30.12 -12.14 -8.22
CA ASP A 99 30.04 -11.90 -9.68
C ASP A 99 28.59 -11.43 -10.01
N HIS A 100 27.95 -10.69 -9.07
CA HIS A 100 26.58 -10.20 -9.22
C HIS A 100 26.50 -8.70 -9.06
N ASP A 101 26.05 -8.03 -10.12
CA ASP A 101 25.89 -6.57 -10.12
C ASP A 101 24.43 -6.14 -9.80
N GLU A 102 23.64 -7.05 -9.21
CA GLU A 102 22.23 -6.80 -8.86
C GLU A 102 22.08 -6.37 -7.41
N MET A 103 21.04 -5.58 -7.12
CA MET A 103 20.76 -5.04 -5.79
C MET A 103 20.36 -6.07 -4.74
N VAL A 104 21.05 -6.04 -3.59
CA VAL A 104 20.80 -6.91 -2.45
C VAL A 104 20.21 -6.05 -1.32
N ILE A 105 19.07 -6.47 -0.75
CA ILE A 105 18.42 -5.74 0.33
C ILE A 105 18.17 -6.64 1.55
N VAL A 106 18.43 -6.13 2.75
CA VAL A 106 18.10 -6.82 3.99
C VAL A 106 17.23 -5.85 4.77
N LYS A 107 15.92 -6.06 4.77
CA LYS A 107 14.99 -5.16 5.43
C LYS A 107 14.45 -5.72 6.77
N ASP A 108 13.93 -4.83 7.61
CA ASP A 108 13.33 -5.13 8.91
C ASP A 108 14.30 -5.74 9.89
N ILE A 109 15.52 -5.19 9.95
CA ILE A 109 16.50 -5.65 10.93
C ILE A 109 16.15 -4.95 12.23
N ASP A 110 15.78 -5.71 13.28
CA ASP A 110 15.43 -5.10 14.56
C ASP A 110 16.63 -4.39 15.18
N MET A 111 16.42 -3.13 15.56
CA MET A 111 17.47 -2.28 16.08
C MET A 111 17.00 -1.72 17.40
N PHE A 112 17.84 -1.80 18.43
CA PHE A 112 17.50 -1.29 19.75
C PHE A 112 18.67 -0.44 20.16
N SER A 113 18.44 0.85 20.39
CA SER A 113 19.52 1.77 20.72
C SER A 113 19.18 2.67 21.91
N MET A 114 20.16 3.44 22.42
CA MET A 114 19.99 4.35 23.53
C MET A 114 20.22 5.77 23.09
N CYS A 115 19.29 6.66 23.40
CA CYS A 115 19.39 8.09 23.10
C CYS A 115 20.59 8.65 23.89
N GLU A 116 21.51 9.35 23.22
CA GLU A 116 22.65 9.92 23.94
C GLU A 116 22.31 11.21 24.66
N HIS A 117 21.19 11.87 24.31
CA HIS A 117 20.83 13.11 24.99
C HIS A 117 20.13 12.88 26.32
N HIS A 118 19.24 11.88 26.39
CA HIS A 118 18.48 11.65 27.60
C HIS A 118 18.69 10.30 28.25
N LEU A 119 19.47 9.41 27.63
CA LEU A 119 19.71 8.05 28.14
C LEU A 119 18.42 7.25 28.24
N VAL A 120 17.55 7.42 27.23
CA VAL A 120 16.26 6.72 27.11
C VAL A 120 16.32 5.93 25.80
N PRO A 121 15.84 4.67 25.78
CA PRO A 121 15.89 3.89 24.52
C PRO A 121 15.16 4.49 23.32
N PHE A 122 15.52 4.01 22.13
CA PHE A 122 14.85 4.30 20.87
C PHE A 122 14.98 3.01 20.06
N VAL A 123 13.85 2.42 19.74
CA VAL A 123 13.83 1.12 19.07
C VAL A 123 13.15 1.17 17.72
N GLY A 124 13.57 0.33 16.79
CA GLY A 124 13.00 0.32 15.46
C GLY A 124 13.58 -0.71 14.52
N LYS A 125 13.66 -0.34 13.24
CA LYS A 125 14.12 -1.22 12.17
C LYS A 125 15.12 -0.54 11.27
N VAL A 126 16.07 -1.32 10.74
CA VAL A 126 17.07 -0.86 9.79
C VAL A 126 16.86 -1.62 8.49
N HIS A 127 16.88 -0.89 7.37
CA HIS A 127 16.73 -1.48 6.04
C HIS A 127 17.98 -1.12 5.28
N ILE A 128 18.76 -2.13 4.91
CA ILE A 128 20.01 -1.94 4.21
C ILE A 128 19.87 -2.43 2.78
N GLY A 129 20.50 -1.72 1.85
CA GLY A 129 20.49 -2.09 0.45
C GLY A 129 21.81 -1.74 -0.19
N TYR A 130 22.28 -2.56 -1.14
CA TYR A 130 23.54 -2.26 -1.81
C TYR A 130 23.65 -2.90 -3.20
N LEU A 131 24.46 -2.29 -4.08
CA LEU A 131 24.76 -2.79 -5.43
C LEU A 131 26.21 -3.24 -5.36
N PRO A 132 26.49 -4.55 -5.29
CA PRO A 132 27.89 -4.99 -5.12
C PRO A 132 28.79 -4.77 -6.33
N ASN A 133 30.11 -4.84 -6.08
CA ASN A 133 31.16 -4.73 -7.08
C ASN A 133 32.05 -5.96 -6.91
N LYS A 134 31.51 -7.14 -7.32
CA LYS A 134 32.22 -8.43 -7.23
C LYS A 134 32.55 -8.86 -5.78
N GLN A 135 31.85 -8.28 -4.79
CA GLN A 135 32.05 -8.54 -3.36
C GLN A 135 30.72 -8.44 -2.62
N VAL A 136 30.31 -9.55 -2.00
CA VAL A 136 29.06 -9.63 -1.24
C VAL A 136 29.36 -9.79 0.26
N LEU A 137 28.37 -9.56 1.14
CA LEU A 137 28.57 -9.65 2.58
C LEU A 137 27.51 -10.56 3.20
N GLY A 138 27.95 -11.48 4.06
CA GLY A 138 27.09 -12.43 4.75
C GLY A 138 26.02 -11.75 5.57
N LEU A 139 24.79 -12.25 5.48
CA LEU A 139 23.61 -11.69 6.14
C LEU A 139 23.80 -11.50 7.65
N SER A 140 24.44 -12.47 8.29
CA SER A 140 24.72 -12.43 9.71
C SER A 140 25.70 -11.29 10.04
N LYS A 141 26.68 -11.04 9.16
CA LYS A 141 27.65 -9.97 9.34
C LYS A 141 27.03 -8.58 9.12
N LEU A 142 26.00 -8.48 8.28
CA LEU A 142 25.28 -7.21 8.10
C LEU A 142 24.54 -6.86 9.39
N ALA A 143 23.94 -7.88 10.03
CA ALA A 143 23.24 -7.74 11.30
C ALA A 143 24.21 -7.40 12.44
N ARG A 144 25.46 -7.90 12.37
CA ARG A 144 26.46 -7.59 13.39
C ARG A 144 26.94 -6.13 13.29
N ILE A 145 26.89 -5.51 12.09
CA ILE A 145 27.25 -4.10 11.92
C ILE A 145 26.19 -3.24 12.62
N VAL A 146 24.91 -3.59 12.45
CA VAL A 146 23.80 -2.88 13.08
C VAL A 146 23.91 -2.99 14.60
N GLU A 147 24.27 -4.16 15.11
CA GLU A 147 24.40 -4.38 16.55
C GLU A 147 25.57 -3.62 17.16
N ILE A 148 26.72 -3.57 16.47
CA ILE A 148 27.90 -2.87 16.96
C ILE A 148 27.61 -1.38 17.21
N TYR A 149 27.02 -0.73 16.23
CA TYR A 149 26.73 0.69 16.32
C TYR A 149 25.50 1.03 17.12
N SER A 150 24.43 0.21 17.06
CA SER A 150 23.22 0.50 17.79
C SER A 150 23.37 0.35 19.29
N ARG A 151 24.16 -0.62 19.75
CA ARG A 151 24.35 -0.84 21.17
C ARG A 151 25.35 0.15 21.75
N ARG A 152 25.03 1.44 21.72
CA ARG A 152 25.86 2.55 22.19
C ARG A 152 24.96 3.78 22.46
N LEU A 153 25.51 4.83 23.08
CA LEU A 153 24.78 6.08 23.27
C LEU A 153 24.84 6.76 21.89
N GLN A 154 23.66 6.87 21.25
CA GLN A 154 23.55 7.31 19.87
C GLN A 154 22.59 8.46 19.56
N VAL A 155 22.69 8.93 18.31
CA VAL A 155 21.76 9.82 17.64
C VAL A 155 21.43 9.03 16.38
N GLN A 156 20.16 8.87 16.05
CA GLN A 156 19.73 8.08 14.90
C GLN A 156 20.45 8.43 13.60
N GLU A 157 20.70 9.72 13.38
CA GLU A 157 21.41 10.23 12.21
C GLU A 157 22.81 9.64 12.13
N ARG A 158 23.50 9.54 13.27
CA ARG A 158 24.85 8.99 13.30
C ARG A 158 24.85 7.49 13.08
N LEU A 159 23.94 6.77 13.75
CA LEU A 159 23.83 5.32 13.62
C LEU A 159 23.58 4.94 12.15
N THR A 160 22.76 5.73 11.44
CA THR A 160 22.45 5.49 10.04
C THR A 160 23.71 5.64 9.18
N LYS A 161 24.45 6.75 9.37
CA LYS A 161 25.67 7.00 8.60
C LYS A 161 26.78 5.98 8.91
N GLN A 162 26.92 5.59 10.18
CA GLN A 162 27.94 4.63 10.61
C GLN A 162 27.77 3.27 9.98
N ILE A 163 26.52 2.82 9.82
CA ILE A 163 26.23 1.54 9.18
C ILE A 163 26.60 1.63 7.69
N ALA A 164 26.13 2.70 7.02
CA ALA A 164 26.37 2.92 5.59
C ALA A 164 27.85 3.02 5.25
N VAL A 165 28.65 3.65 6.13
CA VAL A 165 30.08 3.81 5.93
C VAL A 165 30.80 2.47 6.16
N ALA A 166 30.37 1.69 7.16
CA ALA A 166 30.95 0.38 7.44
C ALA A 166 30.80 -0.57 6.25
N ILE A 167 29.61 -0.59 5.62
CA ILE A 167 29.34 -1.42 4.46
C ILE A 167 30.14 -0.95 3.26
N THR A 168 30.25 0.38 3.06
CA THR A 168 31.02 0.95 1.97
C THR A 168 32.49 0.56 2.08
N GLU A 169 33.03 0.63 3.29
CA GLU A 169 34.42 0.30 3.52
C GLU A 169 34.68 -1.20 3.45
N ALA A 170 33.70 -2.03 3.82
CA ALA A 170 33.85 -3.48 3.76
C ALA A 170 33.75 -4.08 2.36
N LEU A 171 32.86 -3.55 1.54
CA LEU A 171 32.62 -4.14 0.21
C LEU A 171 33.07 -3.34 -0.98
N ARG A 172 33.27 -2.00 -0.84
CA ARG A 172 33.57 -1.08 -1.94
C ARG A 172 32.53 -1.26 -3.07
N PRO A 173 31.23 -1.11 -2.75
CA PRO A 173 30.20 -1.37 -3.75
C PRO A 173 29.90 -0.17 -4.66
N ALA A 174 29.06 -0.37 -5.67
CA ALA A 174 28.61 0.70 -6.56
C ALA A 174 27.80 1.73 -5.75
N GLY A 175 26.99 1.26 -4.81
CA GLY A 175 26.19 2.11 -3.93
C GLY A 175 25.69 1.39 -2.70
N VAL A 176 25.29 2.15 -1.68
CA VAL A 176 24.69 1.59 -0.47
C VAL A 176 23.64 2.57 0.06
N GLY A 177 22.52 2.02 0.55
CA GLY A 177 21.43 2.80 1.10
C GLY A 177 21.03 2.25 2.44
N VAL A 178 20.95 3.11 3.46
CA VAL A 178 20.56 2.68 4.81
C VAL A 178 19.38 3.52 5.28
N VAL A 179 18.27 2.88 5.68
CA VAL A 179 17.11 3.60 6.19
C VAL A 179 16.80 3.08 7.59
N VAL A 180 16.75 3.97 8.58
CA VAL A 180 16.44 3.57 9.94
C VAL A 180 15.14 4.23 10.38
N GLU A 181 14.14 3.44 10.81
CA GLU A 181 12.90 4.01 11.32
C GLU A 181 12.76 3.59 12.78
N ALA A 182 12.75 4.56 13.71
CA ALA A 182 12.70 4.22 15.13
C ALA A 182 11.74 5.09 15.94
N THR A 183 11.22 4.53 17.03
CA THR A 183 10.33 5.21 17.98
C THR A 183 11.20 5.66 19.14
N HIS A 184 11.28 6.96 19.37
CA HIS A 184 12.11 7.50 20.44
C HIS A 184 11.30 7.58 21.72
N MET A 185 11.68 6.80 22.75
CA MET A 185 10.95 6.80 24.02
C MET A 185 11.03 8.13 24.75
N CYS A 186 12.11 8.91 24.53
CA CYS A 186 12.27 10.20 25.21
C CYS A 186 11.19 11.23 24.83
N MET A 187 10.39 10.95 23.80
CA MET A 187 9.29 11.83 23.43
C MET A 187 7.93 11.07 23.43
N VAL A 188 7.93 9.69 23.35
CA VAL A 188 6.75 8.81 23.46
C VAL A 188 6.29 8.81 24.93
N MET A 189 7.25 8.78 25.87
CA MET A 189 6.95 8.88 27.28
C MET A 189 6.46 10.29 27.66
N ARG A 190 6.71 11.31 26.81
CA ARG A 190 6.23 12.66 27.02
C ARG A 190 4.86 12.96 26.31
N GLY A 191 4.24 11.95 25.71
CA GLY A 191 2.96 12.12 25.05
C GLY A 191 2.92 11.73 23.57
N ASN A 196 4.34 6.21 19.21
CA ASN A 196 3.53 7.41 18.98
C ASN A 196 3.98 8.16 17.67
N SER A 197 5.27 8.52 17.57
CA SER A 197 5.85 9.22 16.43
C SER A 197 7.14 8.50 15.94
N LYS A 198 7.20 8.10 14.65
CA LYS A 198 8.37 7.41 14.09
C LYS A 198 9.33 8.37 13.42
N THR A 199 10.64 8.18 13.65
CA THR A 199 11.68 9.01 13.06
C THR A 199 12.39 8.22 12.00
N VAL A 200 12.42 8.72 10.77
CA VAL A 200 13.06 8.04 9.66
C VAL A 200 14.29 8.81 9.20
N THR A 201 15.46 8.15 9.20
CA THR A 201 16.70 8.75 8.73
C THR A 201 17.25 7.87 7.62
N SER A 202 17.76 8.47 6.54
CA SER A 202 18.27 7.68 5.41
C SER A 202 19.58 8.20 4.89
N THR A 203 20.57 7.32 4.74
CA THR A 203 21.89 7.67 4.19
C THR A 203 22.06 6.97 2.85
N MET A 204 22.24 7.75 1.77
CA MET A 204 22.44 7.22 0.43
C MET A 204 23.86 7.52 -0.03
N LEU A 205 24.60 6.48 -0.42
CA LEU A 205 25.97 6.62 -0.89
C LEU A 205 26.13 6.00 -2.29
N GLY A 206 27.12 6.48 -3.05
CA GLY A 206 27.39 5.98 -4.40
C GLY A 206 26.23 6.13 -5.36
N VAL A 207 25.95 5.06 -6.12
CA VAL A 207 24.85 5.04 -7.10
C VAL A 207 23.46 5.25 -6.45
N PHE A 208 23.34 4.94 -5.14
CA PHE A 208 22.08 5.16 -4.42
C PHE A 208 21.80 6.66 -4.27
N ARG A 209 22.87 7.46 -4.06
CA ARG A 209 22.82 8.90 -3.92
C ARG A 209 22.66 9.57 -5.27
N GLU A 210 23.45 9.15 -6.29
CA GLU A 210 23.46 9.76 -7.62
C GLU A 210 22.29 9.34 -8.52
N ASP A 211 22.10 8.02 -8.78
CA ASP A 211 21.02 7.58 -9.65
C ASP A 211 19.70 7.57 -8.90
N PRO A 212 18.75 8.45 -9.29
CA PRO A 212 17.46 8.46 -8.60
C PRO A 212 16.58 7.24 -8.91
N LYS A 213 16.78 6.61 -10.07
CA LYS A 213 16.03 5.42 -10.45
C LYS A 213 16.40 4.20 -9.57
N THR A 214 17.66 4.16 -9.08
CA THR A 214 18.18 3.12 -8.19
C THR A 214 17.57 3.34 -6.80
N ARG A 215 17.57 4.60 -6.32
CA ARG A 215 17.03 5.00 -5.04
C ARG A 215 15.52 4.70 -4.96
N GLU A 216 14.78 4.96 -6.05
CA GLU A 216 13.33 4.67 -6.11
C GLU A 216 13.08 3.17 -5.94
N GLU A 217 13.89 2.33 -6.59
CA GLU A 217 13.76 0.88 -6.52
C GLU A 217 13.98 0.39 -5.09
N PHE A 218 15.03 0.91 -4.42
CA PHE A 218 15.36 0.55 -3.06
C PHE A 218 14.23 0.93 -2.11
N LEU A 219 13.75 2.17 -2.16
CA LEU A 219 12.68 2.63 -1.28
C LEU A 219 11.36 1.90 -1.51
N THR A 220 11.13 1.43 -2.73
CA THR A 220 9.92 0.67 -3.07
C THR A 220 10.04 -0.74 -2.48
N LEU A 221 11.21 -1.38 -2.66
CA LEU A 221 11.43 -2.74 -2.20
C LEU A 221 11.45 -2.89 -0.68
N ILE A 222 11.85 -1.84 0.07
CA ILE A 222 11.86 -1.93 1.53
C ILE A 222 10.46 -1.79 2.16
N ARG A 223 9.43 -1.47 1.36
CA ARG A 223 8.05 -1.36 1.84
C ARG A 223 7.42 -2.75 1.97
N ARG B 31 2.85 41.46 22.41
CA ARG B 31 3.44 40.51 23.36
C ARG B 31 2.59 39.25 23.48
N PRO B 32 3.19 38.06 23.71
CA PRO B 32 2.38 36.83 23.83
C PRO B 32 1.43 36.83 25.03
N ARG B 33 0.43 35.94 25.04
CA ARG B 33 -0.53 35.85 26.13
C ARG B 33 0.16 35.38 27.43
N SER B 34 -0.29 35.86 28.59
CA SER B 34 0.32 35.49 29.87
C SER B 34 -0.65 34.83 30.85
N GLU B 35 -0.14 34.24 31.94
CA GLU B 35 -0.98 33.62 32.97
C GLU B 35 -1.85 34.65 33.73
N GLU B 36 -1.39 35.91 33.79
CA GLU B 36 -2.13 37.03 34.36
C GLU B 36 -3.40 37.26 33.51
N ASP B 37 -3.28 37.18 32.18
CA ASP B 37 -4.39 37.37 31.24
C ASP B 37 -5.36 36.19 31.31
N ASN B 38 -4.85 34.98 31.54
CA ASN B 38 -5.69 33.79 31.68
C ASN B 38 -6.53 33.87 32.95
N GLU B 39 -5.97 34.45 34.02
CA GLU B 39 -6.66 34.60 35.31
C GLU B 39 -7.74 35.68 35.21
N LEU B 40 -7.40 36.79 34.55
CA LEU B 40 -8.26 37.97 34.38
C LEU B 40 -9.42 37.73 33.42
N ASN B 41 -9.18 36.96 32.34
CA ASN B 41 -10.20 36.70 31.34
C ASN B 41 -11.04 35.47 31.58
N LEU B 42 -10.71 34.64 32.58
CA LEU B 42 -11.50 33.45 32.85
C LEU B 42 -12.97 33.77 33.21
N PRO B 43 -13.26 34.76 34.11
CA PRO B 43 -14.66 35.08 34.40
C PRO B 43 -15.41 35.65 33.20
N ASN B 44 -14.72 36.34 32.28
CA ASN B 44 -15.33 36.88 31.06
C ASN B 44 -15.75 35.73 30.14
N LEU B 45 -14.90 34.72 30.01
CA LEU B 45 -15.19 33.56 29.17
C LEU B 45 -16.30 32.74 29.81
N ALA B 46 -16.27 32.57 31.15
CA ALA B 46 -17.30 31.83 31.87
C ALA B 46 -18.65 32.53 31.72
N ALA B 47 -18.65 33.88 31.76
CA ALA B 47 -19.88 34.64 31.60
C ALA B 47 -20.45 34.43 30.21
N ALA B 48 -19.60 34.42 29.17
CA ALA B 48 -20.03 34.22 27.79
C ALA B 48 -20.55 32.81 27.61
N TYR B 49 -19.90 31.81 28.20
CA TYR B 49 -20.36 30.41 28.11
C TYR B 49 -21.69 30.22 28.84
N SER B 50 -21.94 30.98 29.92
CA SER B 50 -23.22 31.00 30.68
C SER B 50 -24.35 31.50 29.77
N SER B 51 -24.06 32.54 28.99
CA SER B 51 -24.97 33.12 28.04
C SER B 51 -25.27 32.14 26.90
N ILE B 52 -24.25 31.39 26.41
CA ILE B 52 -24.40 30.42 25.33
C ILE B 52 -25.32 29.28 25.74
N LEU B 53 -25.17 28.77 26.99
CA LEU B 53 -26.04 27.71 27.50
C LEU B 53 -27.50 28.13 27.50
N SER B 54 -27.75 29.38 27.91
CA SER B 54 -29.11 29.92 27.94
C SER B 54 -29.62 30.15 26.53
N SER B 55 -28.82 30.75 25.64
CA SER B 55 -29.23 31.00 24.26
C SER B 55 -29.51 29.72 23.48
N LEU B 56 -28.89 28.59 23.88
CA LEU B 56 -29.13 27.29 23.24
C LEU B 56 -30.41 26.59 23.72
N GLY B 57 -31.05 27.13 24.75
CA GLY B 57 -32.26 26.54 25.30
C GLY B 57 -32.01 25.59 26.44
N GLU B 58 -30.87 25.74 27.13
CA GLU B 58 -30.54 24.86 28.23
C GLU B 58 -30.77 25.55 29.59
N ASN B 59 -30.85 24.77 30.66
CA ASN B 59 -30.98 25.27 32.02
C ASN B 59 -29.57 25.22 32.63
N PRO B 60 -28.87 26.36 32.75
CA PRO B 60 -27.52 26.33 33.31
C PRO B 60 -27.42 25.91 34.79
N GLN B 61 -28.56 25.76 35.47
CA GLN B 61 -28.57 25.34 36.88
C GLN B 61 -28.64 23.84 37.06
N ARG B 62 -28.83 23.06 35.98
CA ARG B 62 -28.88 21.61 36.12
C ARG B 62 -27.49 21.05 36.46
N GLN B 63 -27.44 19.96 37.25
CA GLN B 63 -26.23 19.32 37.75
C GLN B 63 -25.06 19.27 36.74
N GLY B 64 -25.31 18.77 35.53
CA GLY B 64 -24.24 18.64 34.53
C GLY B 64 -23.73 19.94 33.92
N LEU B 65 -24.51 21.01 34.02
CA LEU B 65 -24.14 22.29 33.44
C LEU B 65 -23.63 23.32 34.43
N LEU B 66 -23.77 23.08 35.75
CA LEU B 66 -23.37 24.02 36.80
C LEU B 66 -21.94 24.57 36.66
N LYS B 67 -20.93 23.68 36.55
CA LYS B 67 -19.55 24.12 36.41
C LYS B 67 -19.08 24.28 34.97
N THR B 68 -19.98 24.04 33.99
CA THR B 68 -19.65 24.11 32.57
C THR B 68 -19.15 25.49 32.13
N PRO B 69 -19.70 26.66 32.57
CA PRO B 69 -19.14 27.94 32.09
C PRO B 69 -17.64 28.08 32.38
N TRP B 70 -17.20 27.55 33.51
CA TRP B 70 -15.80 27.60 33.92
C TRP B 70 -14.97 26.52 33.23
N ARG B 71 -15.52 25.31 33.11
CA ARG B 71 -14.84 24.19 32.49
C ARG B 71 -14.61 24.44 31.01
N ALA B 72 -15.61 25.00 30.31
CA ALA B 72 -15.50 25.31 28.88
C ALA B 72 -14.50 26.43 28.67
N ALA B 73 -14.51 27.43 29.56
CA ALA B 73 -13.60 28.56 29.51
C ALA B 73 -12.16 28.08 29.66
N SER B 74 -11.88 27.19 30.62
CA SER B 74 -10.55 26.65 30.84
C SER B 74 -10.10 25.74 29.71
N ALA B 75 -11.04 25.01 29.09
CA ALA B 75 -10.73 24.15 27.97
C ALA B 75 -10.35 25.01 26.79
N MET B 76 -11.09 26.10 26.52
CA MET B 76 -10.79 27.00 25.41
C MET B 76 -9.47 27.71 25.60
N GLN B 77 -9.12 28.06 26.85
CA GLN B 77 -7.83 28.67 27.13
C GLN B 77 -6.70 27.66 26.85
N PHE B 78 -6.92 26.37 27.16
CA PHE B 78 -5.93 25.33 26.90
C PHE B 78 -5.77 25.12 25.40
N PHE B 79 -6.88 25.03 24.66
CA PHE B 79 -6.83 24.84 23.21
C PHE B 79 -6.15 25.96 22.46
N THR B 80 -6.02 27.15 23.08
CA THR B 80 -5.38 28.30 22.47
C THR B 80 -4.13 28.72 23.26
N LYS B 81 -3.49 27.80 24.02
CA LYS B 81 -2.30 28.13 24.82
C LYS B 81 -1.03 28.41 23.99
N GLY B 82 -1.09 28.16 22.69
CA GLY B 82 0.01 28.45 21.78
C GLY B 82 0.24 29.95 21.62
N TYR B 83 -0.78 30.78 21.92
CA TYR B 83 -0.67 32.23 21.89
C TYR B 83 0.30 32.72 22.98
N GLN B 84 0.36 31.99 24.11
CA GLN B 84 1.24 32.28 25.24
C GLN B 84 2.72 32.04 24.91
N GLU B 85 2.99 31.12 23.99
CA GLU B 85 4.33 30.76 23.59
C GLU B 85 4.85 31.64 22.45
N THR B 86 6.18 31.73 22.35
CA THR B 86 6.87 32.44 21.29
C THR B 86 7.90 31.49 20.66
N ILE B 87 7.90 31.43 19.33
CA ILE B 87 8.81 30.57 18.57
C ILE B 87 10.28 30.92 18.81
N SER B 88 10.56 32.22 19.01
CA SER B 88 11.90 32.74 19.27
C SER B 88 12.52 32.12 20.53
N ASP B 89 11.67 31.77 21.52
CA ASP B 89 12.10 31.13 22.75
C ASP B 89 12.56 29.69 22.48
N VAL B 90 11.74 28.92 21.75
CA VAL B 90 12.05 27.53 21.42
C VAL B 90 13.09 27.43 20.31
N ASP B 99 29.90 15.89 8.69
CA ASP B 99 29.45 15.37 7.40
C ASP B 99 28.12 14.59 7.57
N HIS B 100 27.24 15.06 8.46
CA HIS B 100 25.97 14.36 8.71
C HIS B 100 24.77 15.16 8.20
N ASP B 101 24.78 15.33 6.87
CA ASP B 101 23.76 16.04 6.11
C ASP B 101 23.08 15.03 5.19
N GLU B 102 22.02 14.41 5.74
CA GLU B 102 21.15 13.36 5.20
C GLU B 102 19.68 13.75 5.50
N MET B 103 18.70 13.30 4.67
CA MET B 103 17.30 13.66 4.97
C MET B 103 16.78 13.09 6.29
N VAL B 104 16.29 13.98 7.16
CA VAL B 104 15.73 13.63 8.45
C VAL B 104 14.21 13.82 8.39
N ILE B 105 13.45 12.81 8.81
CA ILE B 105 11.99 12.85 8.79
C ILE B 105 11.42 12.49 10.17
N VAL B 106 10.44 13.24 10.64
CA VAL B 106 9.73 12.93 11.86
C VAL B 106 8.25 12.86 11.43
N LYS B 107 7.72 11.64 11.28
CA LYS B 107 6.35 11.47 10.81
C LYS B 107 5.38 11.08 11.94
N ASP B 108 4.07 11.29 11.71
CA ASP B 108 2.99 10.97 12.64
C ASP B 108 3.06 11.73 13.96
N ILE B 109 3.37 13.02 13.89
CA ILE B 109 3.37 13.87 15.09
C ILE B 109 1.92 14.24 15.34
N ASP B 110 1.35 13.84 16.49
CA ASP B 110 -0.05 14.14 16.77
C ASP B 110 -0.34 15.62 16.87
N MET B 111 -1.38 16.06 16.18
CA MET B 111 -1.74 17.46 16.08
C MET B 111 -3.21 17.66 16.47
N PHE B 112 -3.47 18.66 17.32
CA PHE B 112 -4.83 18.96 17.75
C PHE B 112 -5.00 20.47 17.67
N SER B 113 -5.86 20.94 16.77
CA SER B 113 -6.04 22.39 16.57
C SER B 113 -7.52 22.84 16.58
N MET B 114 -7.77 24.15 16.53
CA MET B 114 -9.13 24.70 16.54
C MET B 114 -9.43 25.42 15.23
N CYS B 115 -10.55 25.13 14.58
CA CYS B 115 -10.90 25.80 13.33
C CYS B 115 -11.26 27.24 13.64
N GLU B 116 -10.60 28.19 12.99
CA GLU B 116 -10.88 29.61 13.27
C GLU B 116 -12.21 30.09 12.72
N HIS B 117 -12.81 29.37 11.76
CA HIS B 117 -14.08 29.79 11.18
C HIS B 117 -15.28 29.42 12.06
N HIS B 118 -15.28 28.23 12.64
CA HIS B 118 -16.42 27.75 13.42
C HIS B 118 -16.12 27.46 14.87
N LEU B 119 -14.85 27.55 15.30
CA LEU B 119 -14.42 27.24 16.67
C LEU B 119 -14.70 25.80 17.05
N VAL B 120 -14.50 24.88 16.09
CA VAL B 120 -14.68 23.45 16.26
C VAL B 120 -13.32 22.79 16.04
N PRO B 121 -12.90 21.81 16.88
CA PRO B 121 -11.59 21.17 16.69
C PRO B 121 -11.35 20.50 15.33
N PHE B 122 -10.07 20.31 15.01
CA PHE B 122 -9.60 19.57 13.84
C PHE B 122 -8.33 18.88 14.27
N VAL B 123 -8.34 17.56 14.24
CA VAL B 123 -7.22 16.78 14.74
C VAL B 123 -6.58 15.93 13.66
N GLY B 124 -5.28 15.74 13.74
CA GLY B 124 -4.57 14.94 12.76
C GLY B 124 -3.13 14.67 13.10
N LYS B 125 -2.28 14.60 12.06
CA LYS B 125 -0.88 14.30 12.18
C LYS B 125 -0.05 15.23 11.30
N VAL B 126 1.16 15.54 11.73
CA VAL B 126 2.10 16.37 10.98
C VAL B 126 3.32 15.49 10.64
N HIS B 127 3.77 15.55 9.39
CA HIS B 127 4.93 14.82 8.91
C HIS B 127 5.91 15.88 8.49
N ILE B 128 7.06 15.94 9.15
CA ILE B 128 8.09 16.93 8.85
C ILE B 128 9.30 16.24 8.26
N GLY B 129 9.93 16.87 7.29
CA GLY B 129 11.13 16.35 6.66
C GLY B 129 12.06 17.49 6.29
N TYR B 130 13.39 17.27 6.40
CA TYR B 130 14.35 18.31 6.05
C TYR B 130 15.71 17.76 5.67
N LEU B 131 16.44 18.54 4.86
CA LEU B 131 17.80 18.21 4.45
C LEU B 131 18.68 19.25 5.13
N PRO B 132 19.43 18.87 6.18
CA PRO B 132 20.19 19.88 6.92
C PRO B 132 21.41 20.47 6.21
N ASN B 133 21.89 21.61 6.73
CA ASN B 133 23.09 22.31 6.25
C ASN B 133 23.96 22.55 7.49
N LYS B 134 24.56 21.46 8.00
CA LYS B 134 25.41 21.39 9.20
C LYS B 134 24.69 21.87 10.49
N GLN B 135 23.34 21.79 10.49
CA GLN B 135 22.47 22.17 11.61
C GLN B 135 21.20 21.31 11.63
N VAL B 136 21.03 20.52 12.71
CA VAL B 136 19.85 19.67 12.93
C VAL B 136 19.09 20.13 14.17
N LEU B 137 17.80 19.84 14.22
CA LEU B 137 16.96 20.25 15.34
C LEU B 137 16.57 19.04 16.18
N GLY B 138 16.54 19.21 17.49
CA GLY B 138 16.13 18.15 18.42
C GLY B 138 14.69 17.74 18.17
N LEU B 139 14.40 16.45 18.35
CA LEU B 139 13.07 15.89 18.11
C LEU B 139 12.02 16.55 18.99
N SER B 140 12.36 16.83 20.25
CA SER B 140 11.44 17.49 21.19
C SER B 140 11.13 18.91 20.73
N LYS B 141 12.13 19.61 20.18
CA LYS B 141 11.96 20.97 19.69
C LYS B 141 11.13 21.03 18.42
N LEU B 142 11.17 19.98 17.57
CA LEU B 142 10.33 19.91 16.37
C LEU B 142 8.87 19.76 16.80
N ALA B 143 8.61 18.94 17.83
CA ALA B 143 7.29 18.74 18.39
C ALA B 143 6.76 20.00 19.08
N ARG B 144 7.65 20.81 19.67
CA ARG B 144 7.23 22.06 20.31
C ARG B 144 6.80 23.09 19.27
N ILE B 145 7.35 23.06 18.04
CA ILE B 145 6.95 23.98 16.98
C ILE B 145 5.51 23.66 16.58
N VAL B 146 5.19 22.37 16.42
CA VAL B 146 3.87 21.90 16.07
C VAL B 146 2.85 22.31 17.13
N GLU B 147 3.22 22.18 18.40
CA GLU B 147 2.35 22.56 19.52
C GLU B 147 2.07 24.07 19.60
N ILE B 148 3.10 24.91 19.41
CA ILE B 148 2.95 26.36 19.45
C ILE B 148 1.92 26.87 18.45
N TYR B 149 2.01 26.41 17.20
CA TYR B 149 1.12 26.85 16.15
C TYR B 149 -0.22 26.16 16.14
N SER B 150 -0.28 24.84 16.49
CA SER B 150 -1.55 24.12 16.46
C SER B 150 -2.50 24.55 17.57
N ARG B 151 -1.95 24.93 18.73
CA ARG B 151 -2.80 25.35 19.85
C ARG B 151 -3.20 26.81 19.70
N ARG B 152 -3.95 27.12 18.63
CA ARG B 152 -4.44 28.45 18.29
C ARG B 152 -5.67 28.30 17.36
N LEU B 153 -6.37 29.42 17.08
CA LEU B 153 -7.47 29.40 16.13
C LEU B 153 -6.80 29.43 14.77
N GLN B 154 -6.95 28.33 14.02
CA GLN B 154 -6.22 28.11 12.79
C GLN B 154 -7.01 27.82 11.51
N VAL B 155 -6.28 27.83 10.39
CA VAL B 155 -6.66 27.34 9.09
C VAL B 155 -5.52 26.34 8.80
N GLN B 156 -5.85 25.09 8.42
CA GLN B 156 -4.82 24.06 8.19
C GLN B 156 -3.67 24.51 7.29
N GLU B 157 -3.98 25.27 6.24
CA GLU B 157 -3.01 25.80 5.29
C GLU B 157 -1.99 26.68 6.00
N ARG B 158 -2.44 27.50 6.96
CA ARG B 158 -1.55 28.39 7.71
C ARG B 158 -0.70 27.60 8.69
N LEU B 159 -1.31 26.65 9.40
CA LEU B 159 -0.57 25.82 10.36
C LEU B 159 0.59 25.07 9.68
N THR B 160 0.36 24.60 8.45
CA THR B 160 1.36 23.90 7.66
C THR B 160 2.52 24.84 7.28
N LYS B 161 2.21 26.04 6.77
CA LYS B 161 3.24 27.00 6.37
C LYS B 161 4.04 27.53 7.56
N GLN B 162 3.38 27.82 8.68
CA GLN B 162 4.03 28.34 9.88
C GLN B 162 5.07 27.38 10.44
N ILE B 163 4.78 26.08 10.41
CA ILE B 163 5.73 25.10 10.90
C ILE B 163 6.94 25.01 9.96
N ALA B 164 6.69 24.99 8.63
CA ALA B 164 7.74 24.94 7.61
C ALA B 164 8.67 26.16 7.67
N VAL B 165 8.10 27.34 7.92
CA VAL B 165 8.87 28.58 8.01
C VAL B 165 9.71 28.61 9.28
N ALA B 166 9.15 28.12 10.40
CA ALA B 166 9.86 28.07 11.67
C ALA B 166 11.10 27.20 11.58
N ILE B 167 10.99 26.02 10.93
CA ILE B 167 12.11 25.11 10.75
C ILE B 167 13.17 25.73 9.83
N THR B 168 12.73 26.40 8.76
CA THR B 168 13.64 27.07 7.82
C THR B 168 14.44 28.16 8.53
N GLU B 169 13.76 28.94 9.37
CA GLU B 169 14.41 30.01 10.08
C GLU B 169 15.30 29.50 11.22
N ALA B 170 14.96 28.37 11.83
CA ALA B 170 15.77 27.79 12.90
C ALA B 170 17.05 27.09 12.43
N LEU B 171 16.97 26.38 11.30
CA LEU B 171 18.11 25.58 10.85
C LEU B 171 18.84 26.07 9.61
N ARG B 172 18.19 26.90 8.77
CA ARG B 172 18.71 27.32 7.46
C ARG B 172 19.13 26.10 6.63
N PRO B 173 18.19 25.16 6.41
CA PRO B 173 18.57 23.92 5.71
C PRO B 173 18.50 24.03 4.19
N ALA B 174 18.90 22.95 3.50
CA ALA B 174 18.81 22.86 2.04
C ALA B 174 17.33 22.92 1.61
N GLY B 175 16.45 22.28 2.39
CA GLY B 175 15.03 22.27 2.15
C GLY B 175 14.24 21.69 3.31
N VAL B 176 12.94 21.96 3.33
CA VAL B 176 12.03 21.44 4.35
C VAL B 176 10.66 21.12 3.73
N GLY B 177 10.05 20.05 4.19
CA GLY B 177 8.74 19.62 3.72
C GLY B 177 7.83 19.34 4.89
N VAL B 178 6.63 19.92 4.88
CA VAL B 178 5.66 19.71 5.97
C VAL B 178 4.35 19.22 5.37
N VAL B 179 3.83 18.09 5.82
CA VAL B 179 2.55 17.58 5.35
C VAL B 179 1.63 17.41 6.55
N VAL B 180 0.45 18.03 6.52
CA VAL B 180 -0.50 17.92 7.62
C VAL B 180 -1.77 17.23 7.11
N GLU B 181 -2.17 16.11 7.73
CA GLU B 181 -3.42 15.45 7.37
C GLU B 181 -4.35 15.48 8.60
N ALA B 182 -5.50 16.16 8.50
CA ALA B 182 -6.40 16.32 9.64
C ALA B 182 -7.86 16.09 9.31
N THR B 183 -8.61 15.63 10.31
CA THR B 183 -10.05 15.44 10.23
C THR B 183 -10.72 16.66 10.89
N HIS B 184 -11.49 17.41 10.10
CA HIS B 184 -12.14 18.62 10.60
C HIS B 184 -13.51 18.26 11.14
N MET B 185 -13.70 18.46 12.45
CA MET B 185 -14.98 18.13 13.09
C MET B 185 -16.12 19.00 12.59
N CYS B 186 -15.85 20.24 12.15
CA CYS B 186 -16.89 21.14 11.64
C CYS B 186 -17.62 20.60 10.39
N MET B 187 -17.10 19.53 9.76
CA MET B 187 -17.77 18.91 8.62
C MET B 187 -18.05 17.41 8.87
N VAL B 188 -17.31 16.75 9.81
CA VAL B 188 -17.53 15.35 10.25
C VAL B 188 -18.83 15.31 11.08
N MET B 189 -19.03 16.32 11.94
CA MET B 189 -20.27 16.46 12.71
C MET B 189 -21.46 16.83 11.82
N ARG B 190 -21.21 17.33 10.59
CA ARG B 190 -22.26 17.63 9.61
C ARG B 190 -22.58 16.44 8.65
N GLY B 191 -21.96 15.29 8.88
CA GLY B 191 -22.22 14.10 8.09
C GLY B 191 -21.09 13.59 7.24
N VAL B 192 -19.91 14.28 7.22
CA VAL B 192 -18.80 13.80 6.37
C VAL B 192 -17.51 13.55 7.17
N SER B 197 -13.43 12.97 5.32
CA SER B 197 -12.65 12.20 6.30
C SER B 197 -11.20 12.76 6.59
N LYS B 198 -10.48 13.25 5.55
CA LYS B 198 -9.14 13.79 5.78
C LYS B 198 -8.72 14.91 4.79
N THR B 199 -8.23 16.03 5.33
CA THR B 199 -7.75 17.18 4.59
C THR B 199 -6.22 17.15 4.62
N VAL B 200 -5.58 17.14 3.46
CA VAL B 200 -4.13 17.10 3.38
C VAL B 200 -3.59 18.41 2.82
N THR B 201 -2.69 19.06 3.53
CA THR B 201 -2.04 20.28 3.09
C THR B 201 -0.52 20.05 3.15
N SER B 202 0.23 20.49 2.12
CA SER B 202 1.67 20.28 2.11
C SER B 202 2.44 21.52 1.72
N THR B 203 3.45 21.89 2.50
CA THR B 203 4.31 23.02 2.19
C THR B 203 5.72 22.52 1.90
N MET B 204 6.23 22.78 0.68
CA MET B 204 7.56 22.38 0.27
C MET B 204 8.43 23.62 0.10
N LEU B 205 9.57 23.67 0.78
CA LEU B 205 10.49 24.79 0.69
C LEU B 205 11.91 24.31 0.29
N GLY B 206 12.70 25.20 -0.31
CA GLY B 206 14.06 24.89 -0.73
C GLY B 206 14.15 23.74 -1.73
N VAL B 207 15.10 22.83 -1.51
CA VAL B 207 15.31 21.65 -2.36
C VAL B 207 14.08 20.73 -2.43
N PHE B 208 13.20 20.78 -1.41
CA PHE B 208 11.97 19.99 -1.40
C PHE B 208 10.99 20.48 -2.47
N ARG B 209 10.97 21.81 -2.67
CA ARG B 209 10.14 22.48 -3.65
C ARG B 209 10.73 22.33 -5.05
N GLU B 210 12.06 22.57 -5.21
CA GLU B 210 12.75 22.55 -6.49
C GLU B 210 13.09 21.15 -7.03
N ASP B 211 13.83 20.33 -6.26
CA ASP B 211 14.20 18.99 -6.75
C ASP B 211 13.04 18.03 -6.58
N PRO B 212 12.47 17.54 -7.69
CA PRO B 212 11.34 16.61 -7.57
C PRO B 212 11.74 15.22 -7.07
N LYS B 213 12.99 14.83 -7.26
CA LYS B 213 13.50 13.54 -6.80
C LYS B 213 13.59 13.50 -5.26
N THR B 214 13.84 14.67 -4.62
CA THR B 214 13.92 14.83 -3.18
C THR B 214 12.49 14.74 -2.61
N ARG B 215 11.54 15.44 -3.24
CA ARG B 215 10.13 15.47 -2.88
C ARG B 215 9.50 14.08 -2.95
N GLU B 216 9.84 13.30 -3.98
CA GLU B 216 9.34 11.94 -4.16
C GLU B 216 9.80 11.06 -3.01
N GLU B 217 11.07 11.21 -2.60
CA GLU B 217 11.64 10.43 -1.51
C GLU B 217 10.93 10.71 -0.19
N PHE B 218 10.68 12.00 0.08
CA PHE B 218 10.00 12.44 1.29
C PHE B 218 8.58 11.89 1.35
N LEU B 219 7.81 12.05 0.28
CA LEU B 219 6.43 11.56 0.26
C LEU B 219 6.33 10.04 0.33
N THR B 220 7.35 9.33 -0.14
CA THR B 220 7.39 7.87 -0.06
C THR B 220 7.68 7.45 1.37
N LEU B 221 8.67 8.10 2.00
CA LEU B 221 9.09 7.76 3.35
C LEU B 221 8.05 8.07 4.42
N ILE B 222 7.19 9.08 4.21
CA ILE B 222 6.16 9.39 5.21
C ILE B 222 4.96 8.40 5.17
N ARG B 223 4.91 7.50 4.19
CA ARG B 223 3.87 6.49 4.09
C ARG B 223 4.16 5.31 5.03
N ARG C 31 -34.97 27.71 -14.05
CA ARG C 31 -34.97 27.88 -12.60
C ARG C 31 -34.73 26.53 -11.88
N PRO C 32 -34.02 26.51 -10.73
CA PRO C 32 -33.88 25.25 -9.98
C PRO C 32 -35.21 24.74 -9.39
N ARG C 33 -35.27 23.47 -8.95
CA ARG C 33 -36.49 22.90 -8.37
C ARG C 33 -36.80 23.56 -7.02
N SER C 34 -38.09 23.73 -6.67
CA SER C 34 -38.45 24.39 -5.41
C SER C 34 -39.27 23.49 -4.46
N GLU C 35 -39.49 23.92 -3.21
CA GLU C 35 -40.32 23.14 -2.28
C GLU C 35 -41.79 23.11 -2.70
N GLU C 36 -42.25 24.15 -3.43
CA GLU C 36 -43.60 24.23 -3.96
C GLU C 36 -43.78 23.16 -5.04
N ASP C 37 -42.75 22.96 -5.89
CA ASP C 37 -42.73 21.97 -6.94
C ASP C 37 -42.78 20.57 -6.34
N ASN C 38 -42.00 20.34 -5.27
CA ASN C 38 -41.93 19.07 -4.57
C ASN C 38 -43.26 18.70 -3.95
N GLU C 39 -43.96 19.69 -3.38
CA GLU C 39 -45.25 19.48 -2.75
C GLU C 39 -46.30 19.09 -3.80
N LEU C 40 -46.25 19.77 -4.96
CA LEU C 40 -47.17 19.58 -6.07
C LEU C 40 -46.97 18.24 -6.80
N ASN C 41 -45.70 17.81 -6.94
CA ASN C 41 -45.38 16.57 -7.65
C ASN C 41 -45.32 15.32 -6.81
N LEU C 42 -45.40 15.44 -5.47
CA LEU C 42 -45.36 14.25 -4.62
C LEU C 42 -46.53 13.28 -4.90
N PRO C 43 -47.79 13.73 -5.05
CA PRO C 43 -48.87 12.78 -5.37
C PRO C 43 -48.72 12.14 -6.75
N ASN C 44 -48.08 12.85 -7.71
CA ASN C 44 -47.85 12.31 -9.05
C ASN C 44 -46.82 11.17 -8.98
N LEU C 45 -45.77 11.35 -8.17
CA LEU C 45 -44.74 10.35 -7.99
C LEU C 45 -45.34 9.17 -7.22
N ALA C 46 -46.16 9.43 -6.20
CA ALA C 46 -46.81 8.36 -5.44
C ALA C 46 -47.74 7.55 -6.34
N ALA C 47 -48.45 8.22 -7.28
CA ALA C 47 -49.35 7.56 -8.21
C ALA C 47 -48.56 6.64 -9.14
N ALA C 48 -47.40 7.10 -9.64
CA ALA C 48 -46.55 6.30 -10.51
C ALA C 48 -45.97 5.11 -9.76
N TYR C 49 -45.55 5.30 -8.50
CA TYR C 49 -45.01 4.21 -7.68
C TYR C 49 -46.06 3.17 -7.34
N SER C 50 -47.32 3.61 -7.16
CA SER C 50 -48.40 2.66 -6.90
C SER C 50 -48.63 1.78 -8.14
N SER C 51 -48.56 2.39 -9.33
CA SER C 51 -48.70 1.69 -10.59
C SER C 51 -47.56 0.66 -10.78
N ILE C 52 -46.33 1.00 -10.35
CA ILE C 52 -45.17 0.12 -10.43
C ILE C 52 -45.37 -1.12 -9.55
N LEU C 53 -45.91 -0.93 -8.33
CA LEU C 53 -46.19 -2.04 -7.42
C LEU C 53 -47.14 -3.04 -8.05
N SER C 54 -48.19 -2.53 -8.73
CA SER C 54 -49.17 -3.37 -9.40
C SER C 54 -48.57 -4.06 -10.62
N SER C 55 -47.83 -3.31 -11.45
CA SER C 55 -47.19 -3.87 -12.64
C SER C 55 -46.14 -4.95 -12.30
N LEU C 56 -45.54 -4.89 -11.09
CA LEU C 56 -44.58 -5.91 -10.64
C LEU C 56 -45.24 -7.19 -10.11
N GLY C 57 -46.56 -7.19 -9.96
CA GLY C 57 -47.28 -8.35 -9.45
C GLY C 57 -47.40 -8.35 -7.94
N GLU C 58 -47.42 -7.16 -7.34
CA GLU C 58 -47.58 -7.03 -5.90
C GLU C 58 -48.98 -6.51 -5.56
N ASN C 59 -49.39 -6.64 -4.29
CA ASN C 59 -50.66 -6.14 -3.81
C ASN C 59 -50.35 -4.84 -3.08
N PRO C 60 -50.64 -3.66 -3.66
CA PRO C 60 -50.32 -2.39 -2.97
C PRO C 60 -51.13 -2.11 -1.70
N GLN C 61 -52.14 -2.94 -1.41
CA GLN C 61 -52.96 -2.78 -0.22
C GLN C 61 -52.42 -3.54 1.00
N ARG C 62 -51.37 -4.38 0.84
CA ARG C 62 -50.83 -5.11 1.98
C ARG C 62 -50.08 -4.16 2.93
N GLN C 63 -50.12 -4.45 4.24
CA GLN C 63 -49.48 -3.64 5.30
C GLN C 63 -48.15 -2.96 4.94
N GLY C 64 -47.18 -3.72 4.45
CA GLY C 64 -45.86 -3.21 4.14
C GLY C 64 -45.77 -2.31 2.92
N LEU C 65 -46.78 -2.39 2.04
CA LEU C 65 -46.77 -1.60 0.83
C LEU C 65 -47.71 -0.39 0.85
N LEU C 66 -48.61 -0.28 1.85
CA LEU C 66 -49.59 0.80 1.95
C LEU C 66 -49.02 2.20 1.79
N LYS C 67 -47.99 2.55 2.59
CA LYS C 67 -47.38 3.87 2.52
C LYS C 67 -46.18 3.94 1.56
N THR C 68 -45.83 2.83 0.89
CA THR C 68 -44.69 2.75 -0.03
C THR C 68 -44.78 3.74 -1.19
N PRO C 69 -45.96 3.98 -1.86
CA PRO C 69 -45.95 4.97 -2.96
C PRO C 69 -45.49 6.35 -2.51
N TRP C 70 -45.79 6.73 -1.28
CA TRP C 70 -45.38 8.02 -0.73
C TRP C 70 -43.96 8.00 -0.23
N ARG C 71 -43.55 6.89 0.42
CA ARG C 71 -42.21 6.74 0.96
C ARG C 71 -41.17 6.71 -0.16
N ALA C 72 -41.45 5.97 -1.26
CA ALA C 72 -40.56 5.88 -2.41
C ALA C 72 -40.48 7.21 -3.12
N ALA C 73 -41.61 7.92 -3.25
CA ALA C 73 -41.68 9.24 -3.87
C ALA C 73 -40.82 10.24 -3.08
N SER C 74 -40.93 10.25 -1.74
CA SER C 74 -40.15 11.16 -0.90
C SER C 74 -38.68 10.82 -0.91
N ALA C 75 -38.35 9.52 -1.02
CA ALA C 75 -36.96 9.08 -1.09
C ALA C 75 -36.37 9.54 -2.40
N MET C 76 -37.11 9.39 -3.51
CA MET C 76 -36.64 9.82 -4.82
C MET C 76 -36.46 11.33 -4.91
N GLN C 77 -37.32 12.08 -4.23
CA GLN C 77 -37.19 13.53 -4.19
C GLN C 77 -35.93 13.92 -3.41
N PHE C 78 -35.60 13.18 -2.33
CA PHE C 78 -34.40 13.46 -1.55
C PHE C 78 -33.16 13.11 -2.37
N PHE C 79 -33.16 11.95 -3.04
CA PHE C 79 -32.01 11.53 -3.85
C PHE C 79 -31.72 12.48 -5.02
N THR C 80 -32.70 13.30 -5.41
CA THR C 80 -32.52 14.25 -6.49
C THR C 80 -32.67 15.70 -6.00
N LYS C 81 -32.41 15.98 -4.71
CA LYS C 81 -32.53 17.33 -4.15
C LYS C 81 -31.47 18.33 -4.65
N GLY C 82 -30.45 17.84 -5.36
CA GLY C 82 -29.42 18.67 -5.95
C GLY C 82 -29.96 19.55 -7.07
N TYR C 83 -31.11 19.17 -7.67
CA TYR C 83 -31.78 19.95 -8.70
C TYR C 83 -32.29 21.27 -8.10
N GLN C 84 -32.67 21.25 -6.80
CA GLN C 84 -33.15 22.41 -6.05
C GLN C 84 -32.05 23.45 -5.79
N GLU C 85 -30.79 23.01 -5.74
CA GLU C 85 -29.65 23.86 -5.49
C GLU C 85 -29.04 24.42 -6.77
N THR C 86 -28.33 25.56 -6.63
CA THR C 86 -27.63 26.27 -7.72
C THR C 86 -26.18 26.43 -7.32
N ILE C 87 -25.25 26.13 -8.24
CA ILE C 87 -23.83 26.21 -7.94
C ILE C 87 -23.37 27.65 -7.66
N SER C 88 -23.96 28.61 -8.38
CA SER C 88 -23.63 30.01 -8.21
C SER C 88 -24.01 30.56 -6.83
N ASP C 89 -25.18 30.15 -6.30
CA ASP C 89 -25.64 30.65 -4.98
C ASP C 89 -24.89 30.03 -3.80
N VAL C 90 -24.37 28.81 -3.98
CA VAL C 90 -23.57 28.19 -2.92
C VAL C 90 -22.18 28.89 -2.83
N LEU C 91 -21.66 29.37 -3.98
CA LEU C 91 -20.41 30.11 -4.08
C LEU C 91 -20.60 31.51 -3.48
N ASN C 92 -20.13 31.75 -2.23
CA ASN C 92 -20.25 33.07 -1.62
C ASN C 92 -19.05 33.45 -0.72
N ASP C 93 -18.18 32.48 -0.39
CA ASP C 93 -17.02 32.74 0.47
C ASP C 93 -15.74 32.07 -0.02
N ALA C 94 -15.04 32.74 -0.95
CA ALA C 94 -13.77 32.26 -1.44
C ALA C 94 -12.75 33.01 -0.60
N ILE C 95 -12.33 32.38 0.51
CA ILE C 95 -11.41 32.96 1.49
C ILE C 95 -10.03 33.27 0.85
N PHE C 96 -9.53 34.49 1.08
CA PHE C 96 -8.28 34.99 0.51
C PHE C 96 -7.05 34.50 1.25
N ASP C 97 -6.69 33.22 1.08
CA ASP C 97 -5.48 32.69 1.71
C ASP C 97 -4.36 32.84 0.71
N GLU C 98 -3.89 34.09 0.57
CA GLU C 98 -2.78 34.45 -0.32
C GLU C 98 -1.47 33.88 0.24
N ASP C 99 -0.37 34.01 -0.52
CA ASP C 99 0.93 33.43 -0.15
C ASP C 99 0.87 31.89 0.01
N HIS C 100 -0.22 31.25 -0.44
CA HIS C 100 -0.34 29.80 -0.40
C HIS C 100 -0.27 29.29 -1.83
N ASP C 101 0.95 28.94 -2.24
CA ASP C 101 1.26 28.38 -3.55
C ASP C 101 1.44 26.86 -3.41
N GLU C 102 0.67 26.22 -2.50
CA GLU C 102 0.80 24.80 -2.21
C GLU C 102 -0.51 24.03 -2.34
N MET C 103 -0.39 22.74 -2.67
CA MET C 103 -1.51 21.86 -2.95
C MET C 103 -2.39 21.54 -1.75
N VAL C 104 -3.71 21.74 -1.93
CA VAL C 104 -4.75 21.45 -0.93
C VAL C 104 -5.55 20.26 -1.41
N ILE C 105 -5.71 19.24 -0.55
CA ILE C 105 -6.45 18.03 -0.89
C ILE C 105 -7.54 17.74 0.15
N VAL C 106 -8.72 17.36 -0.30
CA VAL C 106 -9.80 16.93 0.59
C VAL C 106 -10.19 15.54 0.06
N LYS C 107 -9.73 14.49 0.75
CA LYS C 107 -10.00 13.14 0.29
C LYS C 107 -11.08 12.44 1.13
N ASP C 108 -11.67 11.38 0.56
CA ASP C 108 -12.71 10.55 1.18
C ASP C 108 -13.99 11.32 1.51
N ILE C 109 -14.45 12.16 0.58
CA ILE C 109 -15.70 12.87 0.75
C ILE C 109 -16.78 11.88 0.34
N ASP C 110 -17.68 11.51 1.27
CA ASP C 110 -18.73 10.53 0.95
C ASP C 110 -19.68 11.03 -0.12
N MET C 111 -19.92 10.18 -1.11
CA MET C 111 -20.74 10.52 -2.27
C MET C 111 -21.85 9.48 -2.45
N PHE C 112 -23.07 9.96 -2.66
CA PHE C 112 -24.20 9.07 -2.87
C PHE C 112 -24.97 9.64 -4.05
N SER C 113 -25.08 8.90 -5.15
CA SER C 113 -25.74 9.41 -6.34
C SER C 113 -26.73 8.40 -6.97
N MET C 114 -27.43 8.79 -8.03
CA MET C 114 -28.38 7.92 -8.69
C MET C 114 -27.97 7.68 -10.13
N CYS C 115 -27.92 6.42 -10.55
CA CYS C 115 -27.59 6.06 -11.92
C CYS C 115 -28.71 6.56 -12.84
N GLU C 116 -28.41 7.44 -13.82
CA GLU C 116 -29.46 7.97 -14.70
C GLU C 116 -29.99 6.95 -15.68
N HIS C 117 -29.25 5.86 -15.96
CA HIS C 117 -29.72 4.87 -16.92
C HIS C 117 -30.73 3.92 -16.34
N HIS C 118 -30.54 3.47 -15.08
CA HIS C 118 -31.42 2.47 -14.46
C HIS C 118 -32.16 2.95 -13.23
N LEU C 119 -31.87 4.15 -12.74
CA LEU C 119 -32.45 4.71 -11.51
C LEU C 119 -32.09 3.87 -10.29
N VAL C 120 -30.85 3.38 -10.25
CA VAL C 120 -30.32 2.57 -9.16
C VAL C 120 -29.14 3.34 -8.53
N PRO C 121 -29.01 3.38 -7.20
CA PRO C 121 -27.89 4.14 -6.60
C PRO C 121 -26.48 3.69 -6.99
N PHE C 122 -25.52 4.58 -6.77
CA PHE C 122 -24.10 4.34 -6.92
C PHE C 122 -23.43 5.19 -5.88
N VAL C 123 -22.74 4.54 -4.96
CA VAL C 123 -22.16 5.22 -3.81
C VAL C 123 -20.66 5.07 -3.77
N GLY C 124 -19.97 6.10 -3.29
CA GLY C 124 -18.53 6.06 -3.21
C GLY C 124 -17.93 7.25 -2.50
N LYS C 125 -16.74 7.67 -2.96
CA LYS C 125 -15.98 8.76 -2.38
C LYS C 125 -15.43 9.66 -3.46
N VAL C 126 -15.29 10.93 -3.14
CA VAL C 126 -14.70 11.91 -4.04
C VAL C 126 -13.41 12.43 -3.38
N HIS C 127 -12.31 12.50 -4.16
CA HIS C 127 -11.04 13.02 -3.71
C HIS C 127 -10.81 14.26 -4.54
N ILE C 128 -10.72 15.41 -3.92
CA ILE C 128 -10.50 16.67 -4.61
C ILE C 128 -9.12 17.23 -4.25
N GLY C 129 -8.44 17.80 -5.23
CA GLY C 129 -7.14 18.40 -5.01
C GLY C 129 -7.00 19.64 -5.87
N TYR C 130 -6.30 20.67 -5.38
CA TYR C 130 -6.09 21.87 -6.18
C TYR C 130 -4.87 22.67 -5.75
N LEU C 131 -4.32 23.45 -6.69
CA LEU C 131 -3.19 24.33 -6.45
C LEU C 131 -3.75 25.74 -6.57
N PRO C 132 -3.95 26.45 -5.45
CA PRO C 132 -4.59 27.77 -5.53
C PRO C 132 -3.77 28.89 -6.16
N ASN C 133 -4.47 29.97 -6.55
CA ASN C 133 -3.89 31.18 -7.12
C ASN C 133 -4.42 32.34 -6.27
N LYS C 134 -3.92 32.42 -5.01
CA LYS C 134 -4.27 33.38 -3.93
C LYS C 134 -5.80 33.37 -3.57
N GLN C 135 -6.47 32.23 -3.88
CA GLN C 135 -7.89 31.98 -3.60
C GLN C 135 -8.13 30.52 -3.24
N VAL C 136 -8.58 30.27 -1.99
CA VAL C 136 -8.91 28.93 -1.49
C VAL C 136 -10.41 28.85 -1.18
N LEU C 137 -10.95 27.63 -1.21
CA LEU C 137 -12.36 27.42 -0.95
C LEU C 137 -12.54 26.72 0.39
N GLY C 138 -13.56 27.11 1.13
CA GLY C 138 -13.86 26.50 2.42
C GLY C 138 -14.17 25.03 2.27
N LEU C 139 -13.76 24.20 3.25
CA LEU C 139 -13.96 22.75 3.23
C LEU C 139 -15.43 22.39 3.13
N SER C 140 -16.28 23.14 3.84
CA SER C 140 -17.72 22.92 3.84
C SER C 140 -18.30 23.21 2.45
N LYS C 141 -17.78 24.24 1.77
CA LYS C 141 -18.23 24.61 0.43
C LYS C 141 -17.78 23.62 -0.63
N LEU C 142 -16.63 22.96 -0.44
CA LEU C 142 -16.17 21.92 -1.36
C LEU C 142 -17.12 20.72 -1.27
N ALA C 143 -17.55 20.37 -0.05
CA ALA C 143 -18.49 19.29 0.21
C ALA C 143 -19.88 19.62 -0.35
N ARG C 144 -20.27 20.90 -0.35
CA ARG C 144 -21.56 21.32 -0.90
C ARG C 144 -21.58 21.17 -2.42
N ILE C 145 -20.42 21.33 -3.10
CA ILE C 145 -20.33 21.15 -4.55
C ILE C 145 -20.60 19.68 -4.89
N VAL C 146 -20.00 18.76 -4.12
CA VAL C 146 -20.18 17.33 -4.31
C VAL C 146 -21.65 16.94 -4.11
N GLU C 147 -22.29 17.52 -3.10
CA GLU C 147 -23.69 17.24 -2.81
C GLU C 147 -24.65 17.77 -3.89
N ILE C 148 -24.41 18.98 -4.42
CA ILE C 148 -25.26 19.56 -5.46
C ILE C 148 -25.32 18.69 -6.72
N TYR C 149 -24.16 18.25 -7.19
CA TYR C 149 -24.08 17.44 -8.39
C TYR C 149 -24.40 15.98 -8.18
N SER C 150 -24.00 15.39 -7.04
CA SER C 150 -24.25 13.97 -6.80
C SER C 150 -25.73 13.67 -6.57
N ARG C 151 -26.47 14.58 -5.93
CA ARG C 151 -27.88 14.36 -5.65
C ARG C 151 -28.74 14.69 -6.87
N ARG C 152 -28.54 13.93 -7.96
CA ARG C 152 -29.22 14.07 -9.24
C ARG C 152 -29.11 12.74 -10.00
N LEU C 153 -29.83 12.62 -11.13
CA LEU C 153 -29.71 11.46 -12.00
C LEU C 153 -28.42 11.71 -12.80
N GLN C 154 -27.40 10.87 -12.56
CA GLN C 154 -26.05 11.08 -13.06
C GLN C 154 -25.39 9.93 -13.83
N VAL C 155 -24.23 10.25 -14.40
CA VAL C 155 -23.23 9.35 -14.95
C VAL C 155 -21.97 9.78 -14.23
N GLN C 156 -21.23 8.83 -13.64
CA GLN C 156 -20.04 9.14 -12.86
C GLN C 156 -19.05 10.09 -13.57
N GLU C 157 -18.87 9.91 -14.87
CA GLU C 157 -17.99 10.71 -15.69
C GLU C 157 -18.42 12.18 -15.65
N ARG C 158 -19.74 12.44 -15.71
CA ARG C 158 -20.26 13.81 -15.68
C ARG C 158 -20.13 14.42 -14.30
N LEU C 159 -20.48 13.68 -13.24
CA LEU C 159 -20.38 14.14 -11.87
C LEU C 159 -18.92 14.56 -11.56
N THR C 160 -17.94 13.79 -12.06
CA THR C 160 -16.52 14.08 -11.84
C THR C 160 -16.13 15.41 -12.52
N LYS C 161 -16.53 15.59 -13.79
CA LYS C 161 -16.20 16.80 -14.53
C LYS C 161 -16.93 18.02 -13.95
N GLN C 162 -18.18 17.86 -13.51
CA GLN C 162 -18.97 18.95 -12.93
C GLN C 162 -18.35 19.49 -11.66
N ILE C 163 -17.81 18.60 -10.80
CA ILE C 163 -17.16 18.99 -9.57
C ILE C 163 -15.91 19.77 -9.91
N ALA C 164 -15.09 19.23 -10.84
CA ALA C 164 -13.85 19.83 -11.31
C ALA C 164 -14.04 21.22 -11.91
N VAL C 165 -15.05 21.40 -12.74
CA VAL C 165 -15.36 22.66 -13.42
C VAL C 165 -15.87 23.71 -12.44
N ALA C 166 -16.69 23.29 -11.47
CA ALA C 166 -17.22 24.18 -10.45
C ALA C 166 -16.09 24.80 -9.63
N ILE C 167 -15.10 23.99 -9.23
CA ILE C 167 -13.94 24.44 -8.47
C ILE C 167 -13.07 25.38 -9.30
N THR C 168 -12.85 25.06 -10.58
CA THR C 168 -12.07 25.89 -11.49
C THR C 168 -12.72 27.26 -11.64
N GLU C 169 -14.05 27.28 -11.81
CA GLU C 169 -14.76 28.53 -11.99
C GLU C 169 -14.86 29.33 -10.69
N ALA C 170 -14.89 28.66 -9.53
CA ALA C 170 -14.98 29.34 -8.24
C ALA C 170 -13.66 29.96 -7.78
N LEU C 171 -12.54 29.28 -8.02
CA LEU C 171 -11.25 29.75 -7.51
C LEU C 171 -10.25 30.26 -8.52
N ARG C 172 -10.39 29.88 -9.81
CA ARG C 172 -9.41 30.19 -10.88
C ARG C 172 -8.00 29.74 -10.44
N PRO C 173 -7.84 28.45 -10.10
CA PRO C 173 -6.55 28.00 -9.58
C PRO C 173 -5.56 27.61 -10.68
N ALA C 174 -4.33 27.25 -10.28
CA ALA C 174 -3.30 26.77 -11.20
C ALA C 174 -3.74 25.42 -11.82
N GLY C 175 -4.41 24.59 -11.02
CA GLY C 175 -4.92 23.30 -11.47
C GLY C 175 -5.83 22.66 -10.45
N VAL C 176 -6.64 21.69 -10.90
CA VAL C 176 -7.58 20.96 -10.04
C VAL C 176 -7.66 19.50 -10.50
N GLY C 177 -7.75 18.59 -9.54
CA GLY C 177 -7.87 17.17 -9.81
C GLY C 177 -9.02 16.58 -9.02
N VAL C 178 -9.89 15.83 -9.70
CA VAL C 178 -11.03 15.21 -9.04
C VAL C 178 -11.01 13.72 -9.36
N VAL C 179 -11.06 12.85 -8.34
CA VAL C 179 -11.10 11.42 -8.55
C VAL C 179 -12.32 10.89 -7.83
N VAL C 180 -13.20 10.18 -8.53
CA VAL C 180 -14.40 9.62 -7.93
C VAL C 180 -14.33 8.11 -8.02
N GLU C 181 -14.39 7.39 -6.89
CA GLU C 181 -14.42 5.93 -6.93
C GLU C 181 -15.74 5.48 -6.32
N ALA C 182 -16.59 4.80 -7.12
CA ALA C 182 -17.92 4.41 -6.65
C ALA C 182 -18.33 3.00 -7.04
N THR C 183 -19.19 2.40 -6.23
CA THR C 183 -19.73 1.07 -6.45
C THR C 183 -21.12 1.26 -7.06
N HIS C 184 -21.32 0.78 -8.29
CA HIS C 184 -22.59 0.93 -8.97
C HIS C 184 -23.48 -0.25 -8.65
N MET C 185 -24.61 0.00 -7.97
CA MET C 185 -25.54 -1.05 -7.60
C MET C 185 -26.20 -1.70 -8.80
N CYS C 186 -26.36 -0.96 -9.92
CA CYS C 186 -26.99 -1.51 -11.12
C CYS C 186 -26.20 -2.67 -11.76
N MET C 187 -24.97 -2.92 -11.30
CA MET C 187 -24.19 -4.05 -11.78
C MET C 187 -23.72 -4.96 -10.61
N VAL C 188 -23.70 -4.45 -9.36
CA VAL C 188 -23.39 -5.23 -8.12
C VAL C 188 -24.60 -6.15 -7.84
N MET C 189 -25.84 -5.61 -8.03
CA MET C 189 -27.06 -6.40 -7.91
C MET C 189 -27.18 -7.44 -9.03
N ARG C 190 -26.45 -7.27 -10.16
CA ARG C 190 -26.43 -8.22 -11.26
C ARG C 190 -25.28 -9.29 -11.14
N GLY C 191 -24.52 -9.27 -10.05
CA GLY C 191 -23.45 -10.24 -9.84
C GLY C 191 -22.07 -9.65 -9.62
N ASN C 196 -20.11 -6.56 -8.84
CA ASN C 196 -19.14 -6.30 -7.77
C ASN C 196 -17.80 -5.73 -8.31
N SER C 197 -17.75 -4.41 -8.62
CA SER C 197 -16.56 -3.75 -9.16
C SER C 197 -16.56 -2.21 -8.97
N LYS C 198 -15.47 -1.65 -8.37
CA LYS C 198 -15.36 -0.20 -8.19
C LYS C 198 -15.05 0.51 -9.51
N THR C 199 -15.72 1.64 -9.76
CA THR C 199 -15.53 2.44 -10.97
C THR C 199 -14.79 3.71 -10.59
N VAL C 200 -13.63 3.94 -11.18
CA VAL C 200 -12.84 5.12 -10.89
C VAL C 200 -12.81 6.05 -12.10
N THR C 201 -13.20 7.30 -11.90
CA THR C 201 -13.17 8.32 -12.94
C THR C 201 -12.33 9.49 -12.42
N SER C 202 -11.46 10.07 -13.26
CA SER C 202 -10.62 11.17 -12.83
C SER C 202 -10.58 12.29 -13.83
N THR C 203 -10.81 13.53 -13.37
CA THR C 203 -10.71 14.73 -14.22
C THR C 203 -9.55 15.58 -13.75
N MET C 204 -8.57 15.80 -14.62
CA MET C 204 -7.38 16.62 -14.33
C MET C 204 -7.44 17.90 -15.17
N LEU C 205 -7.38 19.06 -14.52
CA LEU C 205 -7.41 20.34 -15.20
C LEU C 205 -6.17 21.19 -14.82
N GLY C 206 -5.79 22.11 -15.70
CA GLY C 206 -4.66 23.00 -15.48
C GLY C 206 -3.34 22.28 -15.29
N VAL C 207 -2.56 22.70 -14.28
CA VAL C 207 -1.28 22.11 -13.95
C VAL C 207 -1.38 20.61 -13.58
N PHE C 208 -2.57 20.16 -13.13
CA PHE C 208 -2.77 18.73 -12.80
C PHE C 208 -2.75 17.90 -14.07
N ARG C 209 -3.32 18.44 -15.16
CA ARG C 209 -3.37 17.81 -16.46
C ARG C 209 -2.00 17.87 -17.14
N GLU C 210 -1.35 19.05 -17.15
CA GLU C 210 -0.08 19.28 -17.83
C GLU C 210 1.16 18.75 -17.09
N ASP C 211 1.39 19.18 -15.84
CA ASP C 211 2.57 18.72 -15.09
C ASP C 211 2.33 17.33 -14.53
N PRO C 212 3.07 16.32 -15.02
CA PRO C 212 2.87 14.96 -14.50
C PRO C 212 3.41 14.77 -13.07
N LYS C 213 4.39 15.58 -12.67
CA LYS C 213 4.96 15.52 -11.32
C LYS C 213 3.94 15.99 -10.26
N THR C 214 3.04 16.92 -10.64
CA THR C 214 1.96 17.45 -9.80
C THR C 214 0.89 16.37 -9.64
N ARG C 215 0.51 15.72 -10.76
CA ARG C 215 -0.48 14.66 -10.82
C ARG C 215 -0.03 13.45 -9.98
N GLU C 216 1.26 13.09 -10.06
CA GLU C 216 1.81 11.97 -9.28
C GLU C 216 1.67 12.24 -7.78
N GLU C 217 1.96 13.48 -7.36
CA GLU C 217 1.88 13.89 -5.96
C GLU C 217 0.45 13.76 -5.44
N PHE C 218 -0.52 14.24 -6.24
CA PHE C 218 -1.93 14.18 -5.90
C PHE C 218 -2.41 12.75 -5.74
N LEU C 219 -2.12 11.89 -6.74
CA LEU C 219 -2.55 10.49 -6.68
C LEU C 219 -1.90 9.70 -5.55
N THR C 220 -0.68 10.09 -5.15
CA THR C 220 0.02 9.46 -4.04
C THR C 220 -0.63 9.90 -2.71
N LEU C 221 -0.90 11.20 -2.57
CA LEU C 221 -1.48 11.74 -1.35
C LEU C 221 -2.91 11.30 -1.08
N ILE C 222 -3.70 10.98 -2.13
CA ILE C 222 -5.08 10.52 -1.91
C ILE C 222 -5.15 9.04 -1.46
N ARG C 223 -4.02 8.32 -1.45
CA ARG C 223 -3.96 6.93 -0.99
C ARG C 223 -3.88 6.90 0.54
N PRO D 32 -21.25 -19.07 -34.05
CA PRO D 32 -21.21 -19.35 -32.61
C PRO D 32 -22.04 -20.56 -32.20
N ARG D 33 -21.80 -21.09 -31.00
CA ARG D 33 -22.54 -22.24 -30.48
C ARG D 33 -24.01 -21.87 -30.20
N SER D 34 -24.95 -22.79 -30.40
CA SER D 34 -26.37 -22.50 -30.19
C SER D 34 -27.01 -23.39 -29.11
N GLU D 35 -28.25 -23.09 -28.69
CA GLU D 35 -28.97 -23.92 -27.73
C GLU D 35 -29.34 -25.29 -28.31
N GLU D 36 -29.50 -25.37 -29.66
CA GLU D 36 -29.77 -26.61 -30.38
C GLU D 36 -28.54 -27.52 -30.30
N ASP D 37 -27.34 -26.92 -30.42
CA ASP D 37 -26.06 -27.63 -30.33
C ASP D 37 -25.88 -28.18 -28.92
N ASN D 38 -26.22 -27.37 -27.90
CA ASN D 38 -26.09 -27.75 -26.49
C ASN D 38 -27.01 -28.90 -26.14
N GLU D 39 -28.23 -28.90 -26.68
CA GLU D 39 -29.21 -29.96 -26.45
C GLU D 39 -28.72 -31.27 -27.06
N LEU D 40 -28.15 -31.19 -28.27
CA LEU D 40 -27.65 -32.33 -29.04
C LEU D 40 -26.37 -32.92 -28.45
N ASN D 41 -25.47 -32.07 -27.92
CA ASN D 41 -24.20 -32.54 -27.37
C ASN D 41 -24.21 -32.89 -25.90
N LEU D 42 -25.29 -32.59 -25.17
CA LEU D 42 -25.34 -32.94 -23.74
C LEU D 42 -25.19 -34.44 -23.48
N PRO D 43 -25.90 -35.34 -24.22
CA PRO D 43 -25.71 -36.78 -23.97
C PRO D 43 -24.32 -37.28 -24.35
N ASN D 44 -23.65 -36.63 -25.31
CA ASN D 44 -22.28 -36.98 -25.71
C ASN D 44 -21.31 -36.65 -24.57
N LEU D 45 -21.51 -35.49 -23.93
CA LEU D 45 -20.68 -35.05 -22.82
C LEU D 45 -20.94 -35.94 -21.61
N ALA D 46 -22.21 -36.28 -21.34
CA ALA D 46 -22.56 -37.16 -20.23
C ALA D 46 -21.97 -38.56 -20.43
N ALA D 47 -21.87 -39.03 -21.68
CA ALA D 47 -21.28 -40.32 -22.01
C ALA D 47 -19.77 -40.32 -21.73
N ALA D 48 -19.10 -39.17 -21.97
CA ALA D 48 -17.68 -39.02 -21.71
C ALA D 48 -17.41 -38.90 -20.22
N TYR D 49 -18.28 -38.20 -19.48
CA TYR D 49 -18.12 -38.04 -18.04
C TYR D 49 -18.34 -39.33 -17.27
N SER D 50 -19.27 -40.17 -17.75
CA SER D 50 -19.53 -41.46 -17.13
C SER D 50 -18.34 -42.40 -17.37
N SER D 51 -17.69 -42.31 -18.56
CA SER D 51 -16.51 -43.10 -18.88
C SER D 51 -15.34 -42.69 -17.98
N ILE D 52 -15.24 -41.40 -17.63
CA ILE D 52 -14.20 -40.88 -16.74
C ILE D 52 -14.42 -41.44 -15.35
N LEU D 53 -15.68 -41.45 -14.86
CA LEU D 53 -16.00 -42.00 -13.55
C LEU D 53 -15.62 -43.48 -13.46
N SER D 54 -15.84 -44.22 -14.55
CA SER D 54 -15.51 -45.64 -14.62
C SER D 54 -13.99 -45.82 -14.63
N SER D 55 -13.28 -45.03 -15.45
CA SER D 55 -11.81 -45.10 -15.59
C SER D 55 -11.05 -44.66 -14.34
N LEU D 56 -11.69 -43.85 -13.47
CA LEU D 56 -11.07 -43.40 -12.22
C LEU D 56 -11.12 -44.42 -11.08
N GLY D 57 -11.92 -45.47 -11.23
CA GLY D 57 -12.06 -46.47 -10.19
C GLY D 57 -13.23 -46.16 -9.28
N GLU D 58 -14.32 -45.67 -9.87
CA GLU D 58 -15.54 -45.33 -9.16
C GLU D 58 -16.74 -46.05 -9.79
N ASN D 59 -17.80 -46.28 -9.00
CA ASN D 59 -19.03 -46.91 -9.53
C ASN D 59 -20.03 -45.82 -9.86
N PRO D 60 -20.27 -45.58 -11.16
CA PRO D 60 -21.19 -44.49 -11.55
C PRO D 60 -22.66 -44.71 -11.16
N GLN D 61 -22.98 -45.89 -10.58
CA GLN D 61 -24.31 -46.24 -10.14
C GLN D 61 -24.46 -46.04 -8.62
N ARG D 62 -23.70 -45.10 -8.01
CA ARG D 62 -23.76 -44.89 -6.57
C ARG D 62 -24.41 -43.54 -6.17
N GLN D 63 -24.60 -43.33 -4.85
CA GLN D 63 -25.15 -42.14 -4.19
C GLN D 63 -24.96 -40.81 -5.03
N GLY D 64 -23.87 -40.06 -4.83
CA GLY D 64 -23.64 -38.80 -5.52
C GLY D 64 -23.11 -38.89 -6.93
N LEU D 65 -22.89 -40.11 -7.45
CA LEU D 65 -22.37 -40.27 -8.80
C LEU D 65 -23.42 -40.61 -9.85
N LEU D 66 -24.69 -40.82 -9.45
CA LEU D 66 -25.74 -41.16 -10.40
C LEU D 66 -26.02 -40.06 -11.43
N LYS D 67 -26.28 -38.82 -10.97
CA LYS D 67 -26.56 -37.71 -11.88
C LYS D 67 -25.31 -36.91 -12.27
N THR D 68 -24.12 -37.29 -11.78
CA THR D 68 -22.87 -36.61 -12.06
C THR D 68 -22.53 -36.54 -13.56
N PRO D 69 -22.71 -37.59 -14.41
CA PRO D 69 -22.36 -37.42 -15.83
C PRO D 69 -23.11 -36.26 -16.50
N TRP D 70 -24.34 -36.03 -16.08
CA TRP D 70 -25.17 -34.95 -16.61
C TRP D 70 -24.86 -33.61 -15.96
N ARG D 71 -24.61 -33.62 -14.65
CA ARG D 71 -24.27 -32.41 -13.90
C ARG D 71 -22.94 -31.84 -14.34
N ALA D 72 -21.93 -32.69 -14.54
CA ALA D 72 -20.61 -32.26 -15.00
C ALA D 72 -20.70 -31.75 -16.42
N ALA D 73 -21.50 -32.40 -17.28
CA ALA D 73 -21.71 -32.01 -18.67
C ALA D 73 -22.37 -30.61 -18.74
N SER D 74 -23.38 -30.36 -17.91
CA SER D 74 -24.07 -29.07 -17.86
C SER D 74 -23.19 -27.98 -17.28
N ALA D 75 -22.31 -28.34 -16.32
CA ALA D 75 -21.39 -27.39 -15.73
C ALA D 75 -20.37 -27.00 -16.79
N MET D 76 -19.84 -27.97 -17.55
CA MET D 76 -18.86 -27.69 -18.60
C MET D 76 -19.46 -26.85 -19.73
N GLN D 77 -20.74 -27.06 -20.05
CA GLN D 77 -21.42 -26.23 -21.06
C GLN D 77 -21.57 -24.80 -20.55
N PHE D 78 -21.83 -24.63 -19.25
CA PHE D 78 -21.97 -23.30 -18.67
C PHE D 78 -20.61 -22.60 -18.66
N PHE D 79 -19.55 -23.31 -18.24
CA PHE D 79 -18.21 -22.73 -18.20
C PHE D 79 -17.70 -22.31 -19.56
N THR D 80 -18.27 -22.84 -20.66
CA THR D 80 -17.87 -22.49 -22.01
C THR D 80 -19.02 -21.82 -22.79
N LYS D 81 -19.96 -21.16 -22.10
CA LYS D 81 -21.10 -20.51 -22.76
C LYS D 81 -20.72 -19.25 -23.57
N GLY D 82 -19.49 -18.78 -23.44
CA GLY D 82 -18.99 -17.63 -24.18
C GLY D 82 -18.86 -17.94 -25.66
N TYR D 83 -18.71 -19.22 -26.03
CA TYR D 83 -18.66 -19.68 -27.42
C TYR D 83 -19.98 -19.37 -28.13
N GLN D 84 -21.10 -19.40 -27.39
CA GLN D 84 -22.44 -19.09 -27.88
C GLN D 84 -22.62 -17.61 -28.24
N GLU D 85 -21.87 -16.73 -27.55
CA GLU D 85 -21.96 -15.29 -27.77
C GLU D 85 -20.95 -14.76 -28.78
N THR D 86 -21.33 -13.68 -29.44
CA THR D 86 -20.50 -12.97 -30.40
C THR D 86 -20.35 -11.54 -29.89
N ILE D 87 -19.12 -11.02 -29.90
CA ILE D 87 -18.80 -9.67 -29.43
C ILE D 87 -19.52 -8.57 -30.23
N SER D 88 -19.84 -8.85 -31.50
CA SER D 88 -20.54 -7.94 -32.41
C SER D 88 -21.99 -7.65 -31.98
N ASP D 89 -22.78 -8.70 -31.63
CA ASP D 89 -24.18 -8.50 -31.23
C ASP D 89 -24.31 -7.81 -29.87
N VAL D 90 -23.37 -8.09 -28.96
CA VAL D 90 -23.32 -7.46 -27.65
C VAL D 90 -23.03 -5.97 -27.82
N LEU D 91 -22.11 -5.63 -28.74
CA LEU D 91 -21.76 -4.24 -29.03
C LEU D 91 -22.91 -3.49 -29.74
N ASN D 92 -23.64 -2.70 -28.95
CA ASN D 92 -24.76 -1.84 -29.33
C ASN D 92 -24.95 -0.76 -28.23
N ASP D 93 -23.84 -0.28 -27.62
CA ASP D 93 -23.90 0.68 -26.51
C ASP D 93 -22.64 1.60 -26.42
N ALA D 94 -22.36 2.41 -27.44
CA ALA D 94 -21.21 3.32 -27.42
C ALA D 94 -21.66 4.77 -27.17
N ILE D 95 -22.30 5.01 -26.01
CA ILE D 95 -22.85 6.30 -25.56
C ILE D 95 -21.83 7.45 -25.67
N PHE D 96 -22.23 8.56 -26.33
CA PHE D 96 -21.35 9.71 -26.56
C PHE D 96 -21.15 10.60 -25.33
N ASP D 97 -19.93 11.14 -25.16
CA ASP D 97 -19.62 12.00 -24.02
C ASP D 97 -19.35 13.47 -24.41
N GLU D 98 -19.86 14.40 -23.60
CA GLU D 98 -19.71 15.85 -23.82
C GLU D 98 -18.49 16.43 -23.10
N ASP D 99 -17.39 16.68 -23.85
CA ASP D 99 -16.14 17.27 -23.38
C ASP D 99 -15.44 16.42 -22.31
N HIS D 100 -15.56 15.09 -22.38
CA HIS D 100 -14.91 14.22 -21.39
C HIS D 100 -13.67 13.50 -21.95
N ASP D 101 -12.52 14.16 -21.90
CA ASP D 101 -11.26 13.59 -22.37
C ASP D 101 -10.51 13.01 -21.16
N GLU D 102 -11.23 12.29 -20.27
CA GLU D 102 -10.65 11.78 -19.02
C GLU D 102 -10.72 10.26 -18.86
N MET D 103 -9.76 9.69 -18.12
CA MET D 103 -9.64 8.24 -17.93
C MET D 103 -10.75 7.60 -17.10
N VAL D 104 -11.35 6.53 -17.67
CA VAL D 104 -12.41 5.75 -17.04
C VAL D 104 -11.83 4.38 -16.67
N ILE D 105 -12.01 3.95 -15.42
CA ILE D 105 -11.49 2.67 -14.95
C ILE D 105 -12.60 1.85 -14.29
N VAL D 106 -12.67 0.56 -14.59
CA VAL D 106 -13.59 -0.35 -13.94
C VAL D 106 -12.71 -1.45 -13.39
N LYS D 107 -12.45 -1.42 -12.08
CA LYS D 107 -11.55 -2.39 -11.48
C LYS D 107 -12.28 -3.47 -10.69
N ASP D 108 -11.63 -4.61 -10.43
CA ASP D 108 -12.16 -5.73 -9.66
C ASP D 108 -13.39 -6.39 -10.28
N ILE D 109 -13.38 -6.57 -11.59
CA ILE D 109 -14.46 -7.27 -12.28
C ILE D 109 -14.19 -8.75 -12.11
N ASP D 110 -15.06 -9.49 -11.42
CA ASP D 110 -14.86 -10.92 -11.18
C ASP D 110 -14.82 -11.71 -12.49
N MET D 111 -13.83 -12.55 -12.63
CA MET D 111 -13.61 -13.30 -13.85
C MET D 111 -13.41 -14.77 -13.48
N PHE D 112 -14.09 -15.67 -14.17
CA PHE D 112 -14.01 -17.10 -13.89
C PHE D 112 -13.78 -17.78 -15.24
N SER D 113 -12.64 -18.42 -15.45
CA SER D 113 -12.31 -19.04 -16.74
C SER D 113 -11.82 -20.48 -16.62
N MET D 114 -11.62 -21.19 -17.75
CA MET D 114 -11.16 -22.57 -17.78
C MET D 114 -9.80 -22.67 -18.47
N CYS D 115 -8.79 -23.32 -17.85
CA CYS D 115 -7.48 -23.45 -18.50
C CYS D 115 -7.60 -24.46 -19.61
N GLU D 116 -7.18 -24.10 -20.83
CA GLU D 116 -7.31 -25.01 -21.96
C GLU D 116 -6.34 -26.18 -21.91
N HIS D 117 -5.18 -26.01 -21.26
CA HIS D 117 -4.19 -27.08 -21.19
C HIS D 117 -4.63 -28.26 -20.35
N HIS D 118 -5.24 -28.00 -19.18
CA HIS D 118 -5.63 -29.07 -18.26
C HIS D 118 -7.12 -29.19 -17.99
N LEU D 119 -7.93 -28.27 -18.49
CA LEU D 119 -9.38 -28.23 -18.26
C LEU D 119 -9.70 -28.06 -16.77
N VAL D 120 -8.90 -27.24 -16.07
CA VAL D 120 -9.06 -26.94 -14.65
C VAL D 120 -9.33 -25.43 -14.54
N PRO D 121 -10.27 -24.99 -13.69
CA PRO D 121 -10.56 -23.55 -13.60
C PRO D 121 -9.39 -22.66 -13.18
N PHE D 122 -9.54 -21.36 -13.47
CA PHE D 122 -8.63 -20.30 -13.08
C PHE D 122 -9.52 -19.07 -12.85
N VAL D 123 -9.48 -18.54 -11.63
CA VAL D 123 -10.41 -17.54 -11.18
C VAL D 123 -9.70 -16.28 -10.69
N GLY D 124 -10.19 -15.10 -11.06
CA GLY D 124 -9.59 -13.85 -10.59
C GLY D 124 -10.40 -12.61 -10.85
N LYS D 125 -9.70 -11.50 -11.15
CA LYS D 125 -10.29 -10.19 -11.39
C LYS D 125 -9.69 -9.54 -12.63
N VAL D 126 -10.49 -8.71 -13.32
CA VAL D 126 -10.04 -7.95 -14.48
C VAL D 126 -10.16 -6.47 -14.14
N HIS D 127 -9.14 -5.70 -14.48
CA HIS D 127 -9.13 -4.25 -14.25
C HIS D 127 -9.01 -3.64 -15.61
N ILE D 128 -10.01 -2.89 -16.01
CA ILE D 128 -10.05 -2.25 -17.33
C ILE D 128 -9.93 -0.74 -17.17
N GLY D 129 -9.21 -0.11 -18.07
CA GLY D 129 -9.06 1.33 -18.07
C GLY D 129 -8.98 1.86 -19.49
N TYR D 130 -9.54 3.05 -19.75
CA TYR D 130 -9.48 3.62 -21.08
C TYR D 130 -9.61 5.14 -21.11
N LEU D 131 -9.07 5.75 -22.16
CA LEU D 131 -9.16 7.19 -22.38
C LEU D 131 -10.05 7.35 -23.60
N PRO D 132 -11.31 7.78 -23.44
CA PRO D 132 -12.22 7.82 -24.59
C PRO D 132 -11.94 8.91 -25.64
N ASN D 133 -12.54 8.74 -26.82
CA ASN D 133 -12.47 9.66 -27.97
C ASN D 133 -13.92 9.92 -28.41
N LYS D 134 -14.67 10.70 -27.62
CA LYS D 134 -16.09 11.07 -27.80
C LYS D 134 -17.08 9.89 -27.54
N GLN D 135 -16.58 8.68 -27.24
CA GLN D 135 -17.46 7.53 -27.00
C GLN D 135 -17.05 6.73 -25.78
N VAL D 136 -18.01 6.50 -24.87
CA VAL D 136 -17.85 5.72 -23.65
C VAL D 136 -18.74 4.47 -23.69
N LEU D 137 -18.28 3.37 -23.11
CA LEU D 137 -19.02 2.11 -23.09
C LEU D 137 -19.71 1.96 -21.74
N GLY D 138 -20.92 1.43 -21.74
CA GLY D 138 -21.66 1.19 -20.51
C GLY D 138 -20.95 0.21 -19.61
N LEU D 139 -21.04 0.42 -18.30
CA LEU D 139 -20.38 -0.43 -17.31
C LEU D 139 -20.81 -1.90 -17.42
N SER D 140 -22.10 -2.11 -17.66
CA SER D 140 -22.65 -3.46 -17.80
C SER D 140 -22.07 -4.14 -19.05
N LYS D 141 -21.89 -3.38 -20.14
CA LYS D 141 -21.34 -3.90 -21.39
C LYS D 141 -19.86 -4.22 -21.28
N LEU D 142 -19.12 -3.51 -20.41
CA LEU D 142 -17.70 -3.80 -20.20
C LEU D 142 -17.57 -5.16 -19.53
N ALA D 143 -18.38 -5.42 -18.52
CA ALA D 143 -18.37 -6.71 -17.84
C ALA D 143 -18.90 -7.84 -18.75
N ARG D 144 -19.70 -7.51 -19.77
CA ARG D 144 -20.21 -8.50 -20.71
C ARG D 144 -19.07 -8.99 -21.63
N ILE D 145 -18.12 -8.10 -21.99
CA ILE D 145 -16.96 -8.45 -22.82
C ILE D 145 -16.11 -9.47 -22.06
N VAL D 146 -15.89 -9.21 -20.75
CA VAL D 146 -15.14 -10.09 -19.86
C VAL D 146 -15.78 -11.47 -19.81
N GLU D 147 -17.11 -11.52 -19.72
CA GLU D 147 -17.86 -12.77 -19.68
C GLU D 147 -17.77 -13.58 -20.99
N ILE D 148 -17.88 -12.92 -22.15
CA ILE D 148 -17.81 -13.61 -23.45
C ILE D 148 -16.49 -14.36 -23.63
N TYR D 149 -15.38 -13.69 -23.32
CA TYR D 149 -14.07 -14.27 -23.49
C TYR D 149 -13.66 -15.21 -22.38
N SER D 150 -14.02 -14.90 -21.12
CA SER D 150 -13.61 -15.74 -20.00
C SER D 150 -14.32 -17.08 -19.97
N ARG D 151 -15.58 -17.12 -20.40
CA ARG D 151 -16.35 -18.36 -20.41
C ARG D 151 -16.00 -19.21 -21.63
N ARG D 152 -14.75 -19.65 -21.73
CA ARG D 152 -14.20 -20.46 -22.82
C ARG D 152 -12.93 -21.19 -22.32
N LEU D 153 -12.38 -22.11 -23.14
CA LEU D 153 -11.13 -22.77 -22.80
C LEU D 153 -10.06 -21.75 -23.19
N GLN D 154 -9.35 -21.22 -22.20
CA GLN D 154 -8.45 -20.10 -22.35
C GLN D 154 -7.01 -20.26 -21.86
N VAL D 155 -6.19 -19.26 -22.23
CA VAL D 155 -4.87 -18.95 -21.70
C VAL D 155 -5.02 -17.50 -21.23
N GLN D 156 -4.62 -17.21 -19.98
CA GLN D 156 -4.80 -15.86 -19.44
C GLN D 156 -4.29 -14.73 -20.35
N GLU D 157 -3.17 -14.96 -21.02
CA GLU D 157 -2.57 -14.01 -21.94
C GLU D 157 -3.53 -13.67 -23.07
N ARG D 158 -4.25 -14.68 -23.60
CA ARG D 158 -5.20 -14.47 -24.69
C ARG D 158 -6.43 -13.75 -24.22
N LEU D 159 -6.98 -14.16 -23.07
CA LEU D 159 -8.17 -13.53 -22.48
C LEU D 159 -7.92 -12.03 -22.24
N THR D 160 -6.72 -11.68 -21.79
CA THR D 160 -6.33 -10.28 -21.55
C THR D 160 -6.33 -9.49 -22.83
N LYS D 161 -5.71 -10.02 -23.89
CA LYS D 161 -5.62 -9.34 -25.17
C LYS D 161 -6.99 -9.23 -25.83
N GLN D 162 -7.84 -10.26 -25.71
CA GLN D 162 -9.16 -10.26 -26.31
C GLN D 162 -10.04 -9.19 -25.72
N ILE D 163 -9.98 -9.02 -24.40
CA ILE D 163 -10.75 -7.99 -23.73
C ILE D 163 -10.29 -6.60 -24.18
N ALA D 164 -8.98 -6.36 -24.33
CA ALA D 164 -8.45 -5.06 -24.77
C ALA D 164 -8.71 -4.76 -26.23
N VAL D 165 -8.76 -5.79 -27.08
CA VAL D 165 -9.01 -5.62 -28.51
C VAL D 165 -10.50 -5.32 -28.74
N ALA D 166 -11.39 -6.02 -28.01
CA ALA D 166 -12.83 -5.78 -28.13
C ALA D 166 -13.16 -4.32 -27.77
N ILE D 167 -12.60 -3.80 -26.66
CA ILE D 167 -12.81 -2.42 -26.22
C ILE D 167 -12.27 -1.42 -27.25
N THR D 168 -11.07 -1.69 -27.80
CA THR D 168 -10.48 -0.84 -28.82
C THR D 168 -11.36 -0.77 -30.06
N GLU D 169 -11.89 -1.92 -30.49
CA GLU D 169 -12.72 -1.98 -31.67
C GLU D 169 -14.12 -1.40 -31.41
N ALA D 170 -14.62 -1.49 -30.18
CA ALA D 170 -15.94 -0.96 -29.83
C ALA D 170 -15.98 0.56 -29.66
N LEU D 171 -14.92 1.15 -29.08
CA LEU D 171 -14.94 2.59 -28.79
C LEU D 171 -14.00 3.45 -29.60
N ARG D 172 -12.94 2.86 -30.21
CA ARG D 172 -11.87 3.60 -30.89
C ARG D 172 -11.29 4.69 -29.98
N PRO D 173 -10.81 4.30 -28.78
CA PRO D 173 -10.34 5.31 -27.82
C PRO D 173 -8.89 5.73 -28.04
N ALA D 174 -8.42 6.71 -27.25
CA ALA D 174 -7.03 7.13 -27.25
C ALA D 174 -6.12 5.98 -26.79
N GLY D 175 -6.58 5.19 -25.83
CA GLY D 175 -5.85 4.04 -25.32
C GLY D 175 -6.70 3.20 -24.40
N VAL D 176 -6.26 1.95 -24.17
CA VAL D 176 -6.95 1.01 -23.30
C VAL D 176 -5.92 0.15 -22.56
N GLY D 177 -6.20 -0.15 -21.30
CA GLY D 177 -5.33 -0.98 -20.48
C GLY D 177 -6.13 -2.06 -19.80
N VAL D 178 -5.68 -3.32 -19.90
CA VAL D 178 -6.38 -4.45 -19.27
C VAL D 178 -5.41 -5.22 -18.41
N VAL D 179 -5.71 -5.41 -17.12
CA VAL D 179 -4.84 -6.18 -16.22
C VAL D 179 -5.68 -7.31 -15.64
N VAL D 180 -5.24 -8.57 -15.81
CA VAL D 180 -5.96 -9.71 -15.29
C VAL D 180 -5.11 -10.41 -14.24
N GLU D 181 -5.61 -10.56 -13.01
CA GLU D 181 -4.88 -11.29 -11.97
C GLU D 181 -5.72 -12.49 -11.58
N ALA D 182 -5.21 -13.72 -11.80
CA ALA D 182 -5.98 -14.92 -11.52
C ALA D 182 -5.20 -16.02 -10.84
N THR D 183 -5.90 -16.86 -10.08
CA THR D 183 -5.32 -18.02 -9.38
C THR D 183 -5.61 -19.25 -10.23
N HIS D 184 -4.57 -19.92 -10.73
CA HIS D 184 -4.74 -21.09 -11.58
C HIS D 184 -4.80 -22.34 -10.73
N MET D 185 -5.96 -23.03 -10.73
CA MET D 185 -6.14 -24.24 -9.92
C MET D 185 -5.25 -25.39 -10.38
N CYS D 186 -4.88 -25.42 -11.67
CA CYS D 186 -4.04 -26.49 -12.20
C CYS D 186 -2.63 -26.53 -11.57
N MET D 187 -2.24 -25.49 -10.84
CA MET D 187 -0.96 -25.49 -10.14
C MET D 187 -1.13 -25.28 -8.62
N VAL D 188 -2.29 -24.71 -8.16
CA VAL D 188 -2.66 -24.54 -6.74
C VAL D 188 -3.00 -25.92 -6.17
N MET D 189 -3.70 -26.76 -6.95
CA MET D 189 -4.00 -28.13 -6.57
C MET D 189 -2.73 -29.02 -6.56
N ARG D 190 -1.66 -28.57 -7.24
CA ARG D 190 -0.38 -29.27 -7.26
C ARG D 190 0.61 -28.78 -6.15
N GLY D 191 0.17 -27.87 -5.27
CA GLY D 191 1.01 -27.37 -4.19
C GLY D 191 1.19 -25.87 -4.13
N ASN D 196 -0.57 -19.84 -2.09
CA ASN D 196 -0.85 -19.98 -3.52
C ASN D 196 -0.45 -18.72 -4.37
N SER D 197 -0.03 -18.97 -5.64
CA SER D 197 0.48 -17.96 -6.55
C SER D 197 -0.51 -17.39 -7.56
N LYS D 198 -0.54 -16.05 -7.66
CA LYS D 198 -1.39 -15.29 -8.58
C LYS D 198 -0.62 -14.97 -9.88
N THR D 199 -1.32 -15.05 -11.02
CA THR D 199 -0.73 -14.77 -12.32
C THR D 199 -1.28 -13.45 -12.82
N VAL D 200 -0.42 -12.49 -13.11
CA VAL D 200 -0.83 -11.18 -13.59
C VAL D 200 -0.40 -10.98 -15.04
N THR D 201 -1.35 -10.68 -15.92
CA THR D 201 -1.08 -10.41 -17.32
C THR D 201 -1.66 -9.03 -17.65
N SER D 202 -0.93 -8.19 -18.39
CA SER D 202 -1.41 -6.84 -18.71
C SER D 202 -1.22 -6.50 -20.16
N THR D 203 -2.29 -6.01 -20.80
CA THR D 203 -2.22 -5.56 -22.19
C THR D 203 -2.46 -4.05 -22.24
N MET D 204 -1.49 -3.31 -22.77
CA MET D 204 -1.56 -1.86 -22.90
C MET D 204 -1.63 -1.50 -24.38
N LEU D 205 -2.65 -0.76 -24.77
CA LEU D 205 -2.83 -0.33 -26.16
C LEU D 205 -2.94 1.20 -26.26
N GLY D 206 -2.61 1.76 -27.41
CA GLY D 206 -2.69 3.20 -27.65
C GLY D 206 -1.85 4.03 -26.70
N VAL D 207 -2.42 5.11 -26.16
CA VAL D 207 -1.76 6.01 -25.21
C VAL D 207 -1.31 5.30 -23.93
N PHE D 208 -1.95 4.17 -23.58
CA PHE D 208 -1.59 3.39 -22.41
C PHE D 208 -0.22 2.72 -22.59
N ARG D 209 0.13 2.29 -23.82
CA ARG D 209 1.46 1.69 -24.06
C ARG D 209 2.51 2.75 -24.43
N GLU D 210 2.09 3.83 -25.14
CA GLU D 210 3.04 4.88 -25.51
C GLU D 210 3.36 5.87 -24.39
N ASP D 211 2.35 6.54 -23.80
CA ASP D 211 2.62 7.48 -22.71
C ASP D 211 2.80 6.76 -21.39
N PRO D 212 4.02 6.79 -20.83
CA PRO D 212 4.25 6.11 -19.55
C PRO D 212 3.59 6.80 -18.36
N LYS D 213 3.34 8.11 -18.46
CA LYS D 213 2.66 8.88 -17.41
C LYS D 213 1.18 8.47 -17.27
N THR D 214 0.56 8.05 -18.39
CA THR D 214 -0.83 7.57 -18.45
C THR D 214 -0.89 6.19 -17.82
N ARG D 215 0.07 5.31 -18.18
CA ARG D 215 0.19 3.95 -17.67
C ARG D 215 0.40 3.95 -16.15
N GLU D 216 1.23 4.87 -15.64
CA GLU D 216 1.50 4.99 -14.20
C GLU D 216 0.21 5.34 -13.46
N GLU D 217 -0.59 6.25 -14.01
CA GLU D 217 -1.85 6.68 -13.42
C GLU D 217 -2.82 5.51 -13.32
N PHE D 218 -2.94 4.73 -14.40
CA PHE D 218 -3.82 3.57 -14.47
C PHE D 218 -3.42 2.53 -13.43
N LEU D 219 -2.14 2.15 -13.39
CA LEU D 219 -1.66 1.15 -12.44
C LEU D 219 -1.77 1.60 -10.98
N THR D 220 -1.70 2.90 -10.74
CA THR D 220 -1.87 3.45 -9.39
C THR D 220 -3.34 3.38 -8.99
N LEU D 221 -4.25 3.79 -9.89
CA LEU D 221 -5.66 3.83 -9.61
C LEU D 221 -6.29 2.46 -9.44
N ILE D 222 -5.75 1.40 -10.08
CA ILE D 222 -6.32 0.05 -9.92
C ILE D 222 -5.93 -0.62 -8.58
N ARG D 223 -5.03 0.02 -7.80
CA ARG D 223 -4.62 -0.49 -6.49
C ARG D 223 -5.67 -0.16 -5.44
N PRO E 32 23.43 -35.75 -12.94
CA PRO E 32 22.58 -35.47 -11.77
C PRO E 32 22.48 -36.64 -10.79
N ARG E 33 22.03 -36.36 -9.55
CA ARG E 33 21.87 -37.38 -8.52
C ARG E 33 20.75 -38.37 -8.90
N SER E 34 20.89 -39.65 -8.54
CA SER E 34 19.87 -40.65 -8.90
C SER E 34 19.26 -41.33 -7.66
N GLU E 35 18.19 -42.15 -7.85
CA GLU E 35 17.61 -42.88 -6.72
C GLU E 35 18.54 -43.98 -6.20
N GLU E 36 19.43 -44.50 -7.07
CA GLU E 36 20.45 -45.49 -6.71
C GLU E 36 21.46 -44.84 -5.75
N ASP E 37 21.83 -43.56 -6.03
CA ASP E 37 22.77 -42.78 -5.23
C ASP E 37 22.15 -42.52 -3.87
N ASN E 38 20.85 -42.17 -3.83
CA ASN E 38 20.12 -41.89 -2.59
C ASN E 38 20.03 -43.11 -1.70
N GLU E 39 19.82 -44.28 -2.29
CA GLU E 39 19.74 -45.54 -1.56
C GLU E 39 21.09 -45.90 -0.96
N LEU E 40 22.17 -45.67 -1.72
CA LEU E 40 23.56 -45.97 -1.35
C LEU E 40 24.10 -45.02 -0.28
N ASN E 41 23.71 -43.73 -0.34
CA ASN E 41 24.19 -42.73 0.61
C ASN E 41 23.34 -42.54 1.84
N LEU E 42 22.17 -43.18 1.93
CA LEU E 42 21.33 -43.03 3.10
C LEU E 42 22.00 -43.54 4.39
N PRO E 43 22.64 -44.73 4.39
CA PRO E 43 23.32 -45.19 5.62
C PRO E 43 24.52 -44.31 6.00
N ASN E 44 25.18 -43.67 5.03
CA ASN E 44 26.28 -42.75 5.29
C ASN E 44 25.79 -41.51 6.00
N LEU E 45 24.64 -40.98 5.57
CA LEU E 45 24.03 -39.81 6.16
C LEU E 45 23.50 -40.16 7.54
N ALA E 46 22.86 -41.33 7.68
CA ALA E 46 22.34 -41.77 8.97
C ALA E 46 23.48 -41.96 9.98
N ALA E 47 24.62 -42.49 9.52
CA ALA E 47 25.79 -42.68 10.38
C ALA E 47 26.34 -41.34 10.86
N ALA E 48 26.40 -40.33 9.96
CA ALA E 48 26.86 -39.01 10.32
C ALA E 48 25.89 -38.32 11.27
N TYR E 49 24.57 -38.49 11.07
CA TYR E 49 23.56 -37.91 11.95
C TYR E 49 23.58 -38.53 13.33
N SER E 50 23.88 -39.83 13.42
CA SER E 50 23.98 -40.51 14.71
C SER E 50 25.18 -39.94 15.49
N SER E 51 26.28 -39.67 14.78
CA SER E 51 27.47 -39.06 15.35
C SER E 51 27.18 -37.63 15.84
N ILE E 52 26.38 -36.86 15.11
CA ILE E 52 25.99 -35.50 15.48
C ILE E 52 25.17 -35.50 16.77
N LEU E 53 24.23 -36.44 16.92
CA LEU E 53 23.44 -36.55 18.14
C LEU E 53 24.34 -36.78 19.37
N SER E 54 25.36 -37.63 19.22
CA SER E 54 26.30 -37.91 20.29
C SER E 54 27.18 -36.70 20.57
N SER E 55 27.72 -36.06 19.52
CA SER E 55 28.58 -34.89 19.68
C SER E 55 27.84 -33.71 20.32
N LEU E 56 26.49 -33.64 20.14
CA LEU E 56 25.68 -32.59 20.77
C LEU E 56 25.35 -32.83 22.25
N GLY E 57 25.70 -34.01 22.76
CA GLY E 57 25.43 -34.37 24.15
C GLY E 57 24.10 -35.05 24.36
N GLU E 58 23.56 -35.67 23.32
CA GLU E 58 22.30 -36.36 23.40
C GLU E 58 22.46 -37.88 23.49
N ASN E 59 21.41 -38.57 23.95
CA ASN E 59 21.38 -40.03 24.05
C ASN E 59 20.62 -40.49 22.82
N PRO E 60 21.31 -41.02 21.80
CA PRO E 60 20.60 -41.41 20.57
C PRO E 60 19.66 -42.60 20.73
N GLN E 61 19.72 -43.29 21.90
CA GLN E 61 18.85 -44.43 22.21
C GLN E 61 17.50 -44.05 22.82
N ARG E 62 17.29 -42.75 23.14
CA ARG E 62 16.00 -42.34 23.70
C ARG E 62 14.90 -42.39 22.64
N GLN E 63 13.67 -42.71 23.05
CA GLN E 63 12.51 -42.86 22.15
C GLN E 63 12.42 -41.88 20.96
N GLY E 64 12.54 -40.59 21.25
CA GLY E 64 12.41 -39.56 20.21
C GLY E 64 13.56 -39.46 19.24
N LEU E 65 14.73 -40.00 19.62
CA LEU E 65 15.90 -39.93 18.76
C LEU E 65 16.25 -41.22 18.04
N LEU E 66 15.61 -42.35 18.40
CA LEU E 66 15.88 -43.67 17.79
C LEU E 66 15.90 -43.69 16.26
N LYS E 67 14.85 -43.21 15.61
CA LYS E 67 14.79 -43.20 14.15
C LYS E 67 15.31 -41.89 13.54
N THR E 68 15.78 -40.93 14.36
CA THR E 68 16.25 -39.64 13.91
C THR E 68 17.42 -39.73 12.93
N PRO E 69 18.46 -40.60 13.09
CA PRO E 69 19.54 -40.62 12.08
C PRO E 69 19.03 -40.87 10.65
N TRP E 70 18.00 -41.70 10.52
CA TRP E 70 17.41 -42.02 9.24
C TRP E 70 16.42 -40.94 8.79
N ARG E 71 15.63 -40.40 9.71
CA ARG E 71 14.66 -39.36 9.41
C ARG E 71 15.34 -38.07 8.97
N ALA E 72 16.40 -37.63 9.67
CA ALA E 72 17.14 -36.41 9.32
C ALA E 72 17.93 -36.59 8.00
N ALA E 73 18.38 -37.84 7.72
CA ALA E 73 19.05 -38.18 6.47
C ALA E 73 18.06 -38.07 5.30
N SER E 74 16.83 -38.63 5.45
CA SER E 74 15.81 -38.58 4.41
C SER E 74 15.26 -37.18 4.20
N ALA E 75 15.22 -36.37 5.27
CA ALA E 75 14.77 -35.00 5.18
C ALA E 75 15.81 -34.21 4.40
N MET E 76 17.10 -34.38 4.72
CA MET E 76 18.16 -33.67 4.04
C MET E 76 18.19 -34.03 2.55
N GLN E 77 17.92 -35.31 2.21
CA GLN E 77 17.85 -35.78 0.83
C GLN E 77 16.69 -35.14 0.06
N PHE E 78 15.58 -34.92 0.75
CA PHE E 78 14.43 -34.26 0.15
C PHE E 78 14.75 -32.77 -0.07
N PHE E 79 15.36 -32.11 0.92
CA PHE E 79 15.69 -30.69 0.81
C PHE E 79 16.68 -30.39 -0.30
N THR E 80 17.43 -31.41 -0.76
CA THR E 80 18.41 -31.27 -1.82
C THR E 80 18.05 -32.13 -3.05
N LYS E 81 16.76 -32.46 -3.25
CA LYS E 81 16.32 -33.28 -4.39
C LYS E 81 16.43 -32.59 -5.76
N GLY E 82 16.71 -31.29 -5.77
CA GLY E 82 16.92 -30.53 -6.99
C GLY E 82 18.18 -30.93 -7.72
N TYR E 83 19.14 -31.57 -7.01
CA TYR E 83 20.38 -32.09 -7.59
C TYR E 83 20.06 -33.25 -8.55
N GLN E 84 18.99 -34.03 -8.25
CA GLN E 84 18.51 -35.14 -9.06
C GLN E 84 17.93 -34.69 -10.40
N GLU E 85 17.39 -33.48 -10.44
CA GLU E 85 16.77 -32.94 -11.64
C GLU E 85 17.76 -32.19 -12.52
N THR E 86 17.46 -32.20 -13.81
CA THR E 86 18.22 -31.49 -14.84
C THR E 86 17.27 -30.50 -15.49
N ILE E 87 17.74 -29.27 -15.71
CA ILE E 87 16.93 -28.19 -16.27
C ILE E 87 16.52 -28.40 -17.73
N SER E 88 17.45 -28.95 -18.52
CA SER E 88 17.28 -29.24 -19.94
C SER E 88 16.16 -30.24 -20.24
N ASP E 89 16.02 -31.28 -19.41
CA ASP E 89 14.99 -32.30 -19.59
C ASP E 89 13.60 -31.75 -19.26
N VAL E 90 13.50 -30.86 -18.26
CA VAL E 90 12.23 -30.25 -17.88
C VAL E 90 11.82 -29.22 -18.92
N LEU E 91 12.78 -28.40 -19.37
CA LEU E 91 12.53 -27.38 -20.39
C LEU E 91 12.47 -27.94 -21.80
N ASN E 92 11.36 -28.59 -22.13
CA ASN E 92 11.08 -29.13 -23.46
C ASN E 92 9.61 -28.83 -23.92
N ASP E 93 8.82 -28.10 -23.07
CA ASP E 93 7.42 -27.75 -23.32
C ASP E 93 7.14 -26.24 -23.16
N ALA E 94 7.45 -25.44 -24.21
CA ALA E 94 7.19 -24.00 -24.22
C ALA E 94 6.09 -23.70 -25.22
N ILE E 95 4.97 -23.15 -24.76
CA ILE E 95 3.82 -22.82 -25.60
C ILE E 95 4.15 -21.58 -26.49
N PHE E 96 3.60 -21.53 -27.73
CA PHE E 96 3.86 -20.41 -28.65
C PHE E 96 2.64 -19.51 -28.79
N ASP E 97 2.79 -18.22 -28.50
CA ASP E 97 1.69 -17.27 -28.67
C ASP E 97 2.13 -16.06 -29.50
N GLU E 98 1.47 -15.83 -30.63
CA GLU E 98 1.83 -14.72 -31.51
C GLU E 98 1.06 -13.43 -31.18
N ASP E 99 1.63 -12.28 -31.62
CA ASP E 99 1.09 -10.93 -31.40
C ASP E 99 0.88 -10.61 -29.90
N HIS E 100 1.62 -11.31 -29.01
CA HIS E 100 1.53 -11.04 -27.59
C HIS E 100 2.85 -10.57 -27.06
N ASP E 101 3.10 -9.27 -27.20
CA ASP E 101 4.31 -8.62 -26.68
C ASP E 101 3.97 -7.93 -25.34
N GLU E 102 3.18 -8.61 -24.49
CA GLU E 102 2.75 -8.09 -23.19
C GLU E 102 3.34 -8.87 -22.01
N MET E 103 3.57 -8.17 -20.89
CA MET E 103 4.22 -8.72 -19.70
C MET E 103 3.40 -9.74 -18.94
N VAL E 104 4.02 -10.91 -18.67
CA VAL E 104 3.43 -12.01 -17.91
C VAL E 104 4.14 -12.10 -16.56
N ILE E 105 3.38 -12.14 -15.47
CA ILE E 105 3.94 -12.20 -14.12
C ILE E 105 3.34 -13.37 -13.34
N VAL E 106 4.16 -14.10 -12.60
CA VAL E 106 3.70 -15.14 -11.70
C VAL E 106 4.29 -14.76 -10.34
N LYS E 107 3.49 -14.18 -9.46
CA LYS E 107 3.98 -13.73 -8.17
C LYS E 107 3.58 -14.65 -7.02
N ASP E 108 4.30 -14.56 -5.88
CA ASP E 108 4.06 -15.32 -4.65
C ASP E 108 4.21 -16.84 -4.84
N ILE E 109 5.23 -17.26 -5.56
CA ILE E 109 5.51 -18.68 -5.74
C ILE E 109 6.25 -19.10 -4.49
N ASP E 110 5.69 -20.04 -3.70
CA ASP E 110 6.35 -20.47 -2.47
C ASP E 110 7.71 -21.13 -2.71
N MET E 111 8.71 -20.71 -1.98
CA MET E 111 10.08 -21.19 -2.14
C MET E 111 10.65 -21.67 -0.82
N PHE E 112 11.29 -22.82 -0.82
CA PHE E 112 11.87 -23.38 0.40
C PHE E 112 13.27 -23.86 0.01
N SER E 113 14.30 -23.23 0.57
CA SER E 113 15.68 -23.57 0.22
C SER E 113 16.58 -23.80 1.44
N MET E 114 17.81 -24.27 1.21
CA MET E 114 18.77 -24.56 2.28
C MET E 114 19.95 -23.65 2.19
N CYS E 115 20.30 -22.99 3.28
CA CYS E 115 21.44 -22.08 3.35
C CYS E 115 22.71 -22.93 3.18
N GLU E 116 23.56 -22.64 2.18
CA GLU E 116 24.77 -23.44 1.97
C GLU E 116 25.87 -23.17 2.99
N HIS E 117 25.82 -22.04 3.71
CA HIS E 117 26.84 -21.73 4.70
C HIS E 117 26.62 -22.43 6.02
N HIS E 118 25.35 -22.54 6.48
CA HIS E 118 25.06 -23.13 7.77
C HIS E 118 24.18 -24.36 7.74
N LEU E 119 23.66 -24.75 6.57
CA LEU E 119 22.76 -25.89 6.42
C LEU E 119 21.48 -25.72 7.23
N VAL E 120 20.94 -24.50 7.25
CA VAL E 120 19.71 -24.13 7.94
C VAL E 120 18.75 -23.60 6.86
N PRO E 121 17.45 -23.95 6.89
CA PRO E 121 16.52 -23.46 5.86
C PRO E 121 16.39 -21.93 5.72
N PHE E 122 15.87 -21.50 4.57
CA PHE E 122 15.51 -20.13 4.27
C PHE E 122 14.31 -20.21 3.35
N VAL E 123 13.17 -19.73 3.83
CA VAL E 123 11.92 -19.86 3.09
C VAL E 123 11.34 -18.52 2.70
N GLY E 124 10.68 -18.47 1.55
CA GLY E 124 10.09 -17.22 1.08
C GLY E 124 9.25 -17.39 -0.16
N LYS E 125 9.24 -16.36 -0.99
CA LYS E 125 8.46 -16.31 -2.22
C LYS E 125 9.30 -15.83 -3.39
N VAL E 126 8.97 -16.30 -4.59
CA VAL E 126 9.65 -15.89 -5.81
C VAL E 126 8.59 -15.20 -6.70
N HIS E 127 8.93 -14.06 -7.26
CA HIS E 127 8.07 -13.31 -8.14
C HIS E 127 8.81 -13.28 -9.46
N ILE E 128 8.21 -13.87 -10.49
CA ILE E 128 8.81 -13.93 -11.82
C ILE E 128 8.00 -13.07 -12.79
N GLY E 129 8.68 -12.39 -13.68
CA GLY E 129 8.03 -11.57 -14.69
C GLY E 129 8.81 -11.62 -15.98
N TYR E 130 8.12 -11.59 -17.13
CA TYR E 130 8.82 -11.63 -18.41
C TYR E 130 8.02 -11.01 -19.55
N LEU E 131 8.73 -10.54 -20.58
CA LEU E 131 8.14 -9.99 -21.79
C LEU E 131 8.47 -10.98 -22.88
N PRO E 132 7.49 -11.78 -23.33
CA PRO E 132 7.80 -12.82 -24.33
C PRO E 132 8.15 -12.35 -25.74
N ASN E 133 8.76 -13.25 -26.51
CA ASN E 133 9.13 -13.05 -27.92
C ASN E 133 8.55 -14.23 -28.69
N LYS E 134 7.22 -14.25 -28.81
CA LYS E 134 6.41 -15.30 -29.46
C LYS E 134 6.60 -16.70 -28.78
N GLN E 135 6.99 -16.71 -27.51
CA GLN E 135 7.16 -17.93 -26.74
C GLN E 135 6.89 -17.67 -25.26
N VAL E 136 5.87 -18.36 -24.71
CA VAL E 136 5.47 -18.29 -23.29
C VAL E 136 5.66 -19.65 -22.63
N LEU E 137 5.88 -19.65 -21.33
CA LEU E 137 6.12 -20.87 -20.58
C LEU E 137 4.94 -21.20 -19.72
N GLY E 138 4.62 -22.49 -19.63
CA GLY E 138 3.53 -22.99 -18.81
C GLY E 138 3.75 -22.64 -17.36
N LEU E 139 2.68 -22.33 -16.63
CA LEU E 139 2.75 -21.93 -15.22
C LEU E 139 3.37 -23.03 -14.36
N SER E 140 3.04 -24.28 -14.65
CA SER E 140 3.57 -25.42 -13.92
C SER E 140 5.07 -25.58 -14.16
N LYS E 141 5.52 -25.30 -15.39
CA LYS E 141 6.94 -25.37 -15.73
C LYS E 141 7.75 -24.24 -15.09
N LEU E 142 7.13 -23.06 -14.86
CA LEU E 142 7.80 -21.95 -14.18
C LEU E 142 8.04 -22.35 -12.73
N ALA E 143 7.06 -23.02 -12.10
CA ALA E 143 7.15 -23.51 -10.73
C ALA E 143 8.19 -24.63 -10.63
N ARG E 144 8.37 -25.45 -11.68
CA ARG E 144 9.41 -26.49 -11.65
C ARG E 144 10.83 -25.93 -11.75
N ILE E 145 11.01 -24.74 -12.34
CA ILE E 145 12.32 -24.10 -12.38
C ILE E 145 12.70 -23.66 -10.97
N VAL E 146 11.74 -23.06 -10.24
CA VAL E 146 11.94 -22.62 -8.86
C VAL E 146 12.27 -23.81 -7.97
N GLU E 147 11.57 -24.94 -8.17
CA GLU E 147 11.81 -26.15 -7.40
C GLU E 147 13.19 -26.80 -7.64
N ILE E 148 13.64 -26.93 -8.90
CA ILE E 148 14.95 -27.53 -9.20
C ILE E 148 16.09 -26.76 -8.54
N TYR E 149 16.05 -25.43 -8.62
CA TYR E 149 17.13 -24.61 -8.09
C TYR E 149 17.01 -24.37 -6.60
N SER E 150 15.79 -24.24 -6.05
CA SER E 150 15.64 -24.00 -4.61
C SER E 150 15.93 -25.22 -3.77
N ARG E 151 15.69 -26.42 -4.29
CA ARG E 151 15.94 -27.65 -3.54
C ARG E 151 17.38 -28.07 -3.66
N ARG E 152 18.29 -27.21 -3.19
CA ARG E 152 19.74 -27.40 -3.24
C ARG E 152 20.39 -26.50 -2.18
N LEU E 153 21.66 -26.75 -1.83
CA LEU E 153 22.38 -25.90 -0.89
C LEU E 153 22.68 -24.63 -1.67
N GLN E 154 22.06 -23.53 -1.25
CA GLN E 154 22.08 -22.28 -1.99
C GLN E 154 22.60 -21.03 -1.26
N VAL E 155 22.72 -19.95 -2.02
CA VAL E 155 22.86 -18.57 -1.60
C VAL E 155 21.73 -17.88 -2.35
N GLN E 156 20.92 -17.07 -1.65
CA GLN E 156 19.76 -16.43 -2.29
C GLN E 156 20.08 -15.71 -3.61
N GLU E 157 21.23 -15.05 -3.66
CA GLU E 157 21.70 -14.32 -4.83
C GLU E 157 21.85 -15.27 -6.03
N ARG E 158 22.37 -16.48 -5.80
CA ARG E 158 22.55 -17.47 -6.86
C ARG E 158 21.24 -18.04 -7.31
N LEU E 159 20.36 -18.40 -6.37
CA LEU E 159 19.05 -18.97 -6.67
C LEU E 159 18.25 -18.00 -7.53
N THR E 160 18.34 -16.69 -7.24
CA THR E 160 17.64 -15.65 -8.00
C THR E 160 18.15 -15.60 -9.45
N LYS E 161 19.48 -15.60 -9.64
CA LYS E 161 20.07 -15.56 -10.97
C LYS E 161 19.77 -16.85 -11.76
N GLN E 162 19.85 -18.01 -11.10
CA GLN E 162 19.60 -19.30 -11.73
C GLN E 162 18.21 -19.36 -12.34
N ILE E 163 17.18 -18.97 -11.60
CA ILE E 163 15.80 -18.94 -12.09
C ILE E 163 15.68 -18.00 -13.30
N ALA E 164 16.22 -16.77 -13.20
CA ALA E 164 16.19 -15.80 -14.29
C ALA E 164 16.83 -16.36 -15.56
N VAL E 165 17.98 -17.03 -15.41
CA VAL E 165 18.72 -17.61 -16.52
C VAL E 165 17.95 -18.79 -17.13
N ALA E 166 17.33 -19.64 -16.29
CA ALA E 166 16.57 -20.79 -16.77
C ALA E 166 15.41 -20.37 -17.66
N ILE E 167 14.74 -19.27 -17.33
CA ILE E 167 13.62 -18.72 -18.09
C ILE E 167 14.12 -18.13 -19.40
N THR E 168 15.24 -17.40 -19.34
CA THR E 168 15.87 -16.77 -20.51
C THR E 168 16.25 -17.83 -21.52
N GLU E 169 16.82 -18.93 -21.05
CA GLU E 169 17.25 -20.01 -21.92
C GLU E 169 16.08 -20.77 -22.54
N ALA E 170 14.97 -20.90 -21.80
CA ALA E 170 13.79 -21.61 -22.27
C ALA E 170 12.94 -20.84 -23.26
N LEU E 171 12.79 -19.53 -23.07
CA LEU E 171 11.90 -18.74 -23.92
C LEU E 171 12.55 -17.76 -24.88
N ARG E 172 13.81 -17.33 -24.62
CA ARG E 172 14.49 -16.27 -25.38
C ARG E 172 13.61 -15.01 -25.43
N PRO E 173 13.22 -14.47 -24.26
CA PRO E 173 12.30 -13.34 -24.26
C PRO E 173 12.99 -11.98 -24.41
N ALA E 174 12.19 -10.91 -24.50
CA ALA E 174 12.68 -9.53 -24.54
C ALA E 174 13.39 -9.20 -23.21
N GLY E 175 12.87 -9.72 -22.10
CA GLY E 175 13.46 -9.50 -20.79
C GLY E 175 12.76 -10.32 -19.73
N VAL E 176 13.47 -10.53 -18.60
CA VAL E 176 12.96 -11.32 -17.48
C VAL E 176 13.37 -10.64 -16.16
N GLY E 177 12.50 -10.71 -15.16
CA GLY E 177 12.75 -10.14 -13.85
C GLY E 177 12.41 -11.16 -12.78
N VAL E 178 13.35 -11.39 -11.83
CA VAL E 178 13.11 -12.34 -10.74
C VAL E 178 13.38 -11.63 -9.41
N VAL E 179 12.40 -11.61 -8.48
CA VAL E 179 12.57 -11.02 -7.14
C VAL E 179 12.33 -12.12 -6.11
N VAL E 180 13.26 -12.33 -5.18
CA VAL E 180 13.11 -13.39 -4.17
C VAL E 180 13.12 -12.76 -2.77
N GLU E 181 12.05 -12.98 -1.98
CA GLU E 181 11.98 -12.48 -0.60
C GLU E 181 11.94 -13.71 0.30
N ALA E 182 12.93 -13.87 1.18
CA ALA E 182 12.99 -15.02 2.06
C ALA E 182 13.44 -14.64 3.44
N THR E 183 13.01 -15.42 4.40
CA THR E 183 13.39 -15.30 5.78
C THR E 183 14.45 -16.38 6.05
N HIS E 184 15.65 -15.93 6.43
CA HIS E 184 16.74 -16.86 6.68
C HIS E 184 16.72 -17.30 8.12
N MET E 185 16.50 -18.61 8.36
CA MET E 185 16.45 -19.14 9.71
C MET E 185 17.79 -18.97 10.47
N CYS E 186 18.91 -18.68 9.78
CA CYS E 186 20.21 -18.41 10.43
C CYS E 186 20.09 -17.19 11.34
N MET E 187 19.49 -16.09 10.83
CA MET E 187 19.35 -14.88 11.62
C MET E 187 17.92 -14.66 12.20
N VAL E 188 17.05 -15.68 12.09
CA VAL E 188 15.74 -15.63 12.76
C VAL E 188 15.88 -16.42 14.07
N MET E 189 16.56 -17.59 14.02
CA MET E 189 16.84 -18.38 15.21
C MET E 189 17.87 -17.68 16.13
N ARG E 190 18.64 -16.72 15.59
CA ARG E 190 19.61 -15.94 16.37
C ARG E 190 19.03 -14.60 16.91
N GLY E 191 17.74 -14.34 16.70
CA GLY E 191 17.09 -13.13 17.18
C GLY E 191 16.44 -12.26 16.11
N ASN E 196 11.20 -10.69 12.56
CA ASN E 196 12.05 -11.36 11.59
C ASN E 196 12.39 -10.46 10.34
N SER E 197 13.68 -10.48 9.92
CA SER E 197 14.17 -9.70 8.78
C SER E 197 14.15 -10.49 7.47
N LYS E 198 13.55 -9.89 6.44
CA LYS E 198 13.45 -10.47 5.10
C LYS E 198 14.61 -10.01 4.21
N THR E 199 15.10 -10.93 3.38
CA THR E 199 16.20 -10.63 2.45
C THR E 199 15.62 -10.60 1.05
N VAL E 200 15.79 -9.47 0.34
CA VAL E 200 15.26 -9.34 -1.00
C VAL E 200 16.38 -9.26 -2.02
N THR E 201 16.37 -10.15 -3.01
CA THR E 201 17.36 -10.16 -4.08
C THR E 201 16.61 -10.07 -5.41
N SER E 202 17.10 -9.27 -6.36
CA SER E 202 16.43 -9.12 -7.64
C SER E 202 17.37 -9.21 -8.81
N THR E 203 17.06 -10.06 -9.81
CA THR E 203 17.83 -10.16 -11.03
C THR E 203 16.99 -9.66 -12.21
N MET E 204 17.48 -8.62 -12.90
CA MET E 204 16.82 -8.03 -14.05
C MET E 204 17.65 -8.32 -15.30
N LEU E 205 17.03 -8.94 -16.31
CA LEU E 205 17.70 -9.26 -17.57
C LEU E 205 16.93 -8.64 -18.75
N GLY E 206 17.65 -8.38 -19.85
CA GLY E 206 17.06 -7.82 -21.05
C GLY E 206 16.40 -6.47 -20.86
N VAL E 207 15.19 -6.31 -21.40
CA VAL E 207 14.41 -5.08 -21.30
C VAL E 207 14.07 -4.70 -19.84
N PHE E 208 14.06 -5.68 -18.93
CA PHE E 208 13.80 -5.44 -17.51
C PHE E 208 14.97 -4.67 -16.89
N ARG E 209 16.19 -5.00 -17.33
CA ARG E 209 17.40 -4.36 -16.88
C ARG E 209 17.57 -2.97 -17.53
N GLU E 210 17.37 -2.88 -18.87
CA GLU E 210 17.57 -1.66 -19.65
C GLU E 210 16.44 -0.63 -19.55
N ASP E 211 15.18 -0.99 -19.86
CA ASP E 211 14.09 -0.04 -19.79
C ASP E 211 13.62 0.12 -18.36
N PRO E 212 13.82 1.31 -17.76
CA PRO E 212 13.37 1.51 -16.37
C PRO E 212 11.85 1.59 -16.22
N LYS E 213 11.13 1.97 -17.28
CA LYS E 213 9.67 2.04 -17.26
C LYS E 213 9.04 0.64 -17.18
N THR E 214 9.73 -0.38 -17.76
CA THR E 214 9.32 -1.78 -17.74
C THR E 214 9.54 -2.33 -16.33
N ARG E 215 10.71 -2.03 -15.73
CA ARG E 215 11.10 -2.45 -14.39
C ARG E 215 10.13 -1.90 -13.34
N GLU E 216 9.74 -0.62 -13.48
CA GLU E 216 8.80 0.03 -12.57
C GLU E 216 7.46 -0.69 -12.59
N GLU E 217 6.98 -1.06 -13.79
CA GLU E 217 5.70 -1.76 -13.96
C GLU E 217 5.72 -3.11 -13.26
N PHE E 218 6.82 -3.86 -13.43
CA PHE E 218 6.99 -5.17 -12.83
C PHE E 218 6.98 -5.07 -11.32
N LEU E 219 7.79 -4.16 -10.75
CA LEU E 219 7.86 -4.01 -9.29
C LEU E 219 6.55 -3.51 -8.67
N THR E 220 5.75 -2.77 -9.44
CA THR E 220 4.45 -2.29 -8.98
C THR E 220 3.45 -3.46 -8.98
N LEU E 221 3.45 -4.26 -10.05
CA LEU E 221 2.52 -5.35 -10.20
C LEU E 221 2.76 -6.49 -9.23
N ILE E 222 4.01 -6.71 -8.78
CA ILE E 222 4.28 -7.78 -7.82
C ILE E 222 3.86 -7.42 -6.37
N ARG E 223 3.44 -6.18 -6.12
CA ARG E 223 2.99 -5.77 -4.80
C ARG E 223 1.55 -6.23 -4.55
#